data_3E49
#
_entry.id   3E49
#
_cell.length_a   59.495
_cell.length_b   68.275
_cell.length_c   83.952
_cell.angle_alpha   69.990
_cell.angle_beta   88.070
_cell.angle_gamma   72.840
#
_symmetry.space_group_name_H-M   'P 1'
#
loop_
_entity.id
_entity.type
_entity.pdbx_description
1 polymer 'uncharacterized protein DUF849 with a TIM barrel fold'
2 non-polymer 'ZINC ION'
3 non-polymer 2-ETHOXYETHANOL
4 non-polymer 'ACETATE ION'
5 non-polymer IMIDAZOLE
6 water water
#
_entity_poly.entity_id   1
_entity_poly.type   'polypeptide(L)'
_entity_poly.pdbx_seq_one_letter_code
;G(MSE)GSSRKVIITCAVTGAIHTPS(MSE)SPYLPVTPDEVAQASIGAAEAGAAVIHLHARDPRDGRPTQDPAAFAEFL
PRIKSNTDAVINLTTGGSPH(MSE)TVEERLRPATHY(MSE)PELASLN(MSE)GS(MSE)NFGLYP(MSE)LERFKEFA
HGWEREHLERSRDLVFKNTFADIEFILKTCGGNGTRFEFECYDTSHLYNLAHFVDRKLATPPFFVQTVFGLLGGIGPHPE
DLAH(MSE)RRTADRLFGADYVWSILGAGRHQIPLASIGAAQGANVRVGLEDSLWIAPGELAETNAAQVRKIRQVIEGLS
LEVASPAEART(MSE)LGLKGPQNVNF
;
_entity_poly.pdbx_strand_id   A,B,C,D
#
# COMPACT_ATOMS: atom_id res chain seq x y z
N SER A 5 7.61 21.21 13.26
CA SER A 5 6.40 22.09 13.28
C SER A 5 5.11 21.38 12.80
N ARG A 6 4.03 21.60 13.53
CA ARG A 6 2.73 21.08 13.14
C ARG A 6 1.97 22.12 12.29
N LYS A 7 2.65 23.20 11.89
CA LYS A 7 2.00 24.25 11.10
C LYS A 7 1.92 23.85 9.63
N VAL A 8 0.81 24.23 8.99
CA VAL A 8 0.60 23.92 7.59
C VAL A 8 0.98 25.05 6.65
N ILE A 9 1.90 24.77 5.75
CA ILE A 9 2.26 25.71 4.73
C ILE A 9 1.26 25.62 3.61
N ILE A 10 0.59 26.74 3.34
CA ILE A 10 -0.32 26.82 2.19
C ILE A 10 0.41 27.53 1.04
N THR A 11 0.56 26.83 -0.07
CA THR A 11 1.08 27.41 -1.29
C THR A 11 -0.12 27.76 -2.18
N CYS A 12 -0.09 28.98 -2.74
CA CYS A 12 -1.11 29.37 -3.71
C CYS A 12 -0.47 29.67 -5.08
N ALA A 13 -0.83 28.89 -6.09
CA ALA A 13 -0.35 29.04 -7.47
C ALA A 13 -1.43 29.86 -8.17
N VAL A 14 -1.14 31.14 -8.38
CA VAL A 14 -2.19 32.09 -8.79
C VAL A 14 -2.71 32.08 -10.22
N THR A 15 -1.92 31.64 -11.20
CA THR A 15 -2.40 31.62 -12.61
C THR A 15 -1.82 30.52 -13.51
N GLY A 16 -0.52 30.27 -13.38
CA GLY A 16 0.14 29.23 -14.15
C GLY A 16 0.17 29.44 -15.67
N ALA A 17 0.26 28.34 -16.42
CA ALA A 17 0.31 28.37 -17.90
C ALA A 17 -0.61 27.32 -18.50
N ILE A 18 -1.32 26.55 -17.68
CA ILE A 18 -2.16 25.48 -18.24
C ILE A 18 -3.53 25.98 -18.70
N HIS A 19 -4.26 26.56 -17.75
CA HIS A 19 -5.55 27.14 -18.05
C HIS A 19 -5.43 28.36 -19.02
N THR A 20 -6.49 28.59 -19.79
CA THR A 20 -6.57 29.74 -20.70
C THR A 20 -7.68 30.74 -20.26
N PRO A 21 -7.52 32.04 -20.57
CA PRO A 21 -8.41 33.09 -20.09
C PRO A 21 -9.88 32.91 -20.45
N SER A 22 -10.14 32.28 -21.57
CA SER A 22 -11.51 32.01 -21.99
C SER A 22 -12.21 31.00 -21.09
N SER A 24 -12.15 30.97 -17.72
CA SER A 24 -12.69 31.60 -16.56
C SER A 24 -12.33 33.04 -16.56
N PRO A 25 -13.31 33.91 -16.24
CA PRO A 25 -13.06 35.34 -16.19
C PRO A 25 -12.24 35.73 -14.95
N TYR A 26 -12.04 34.76 -14.05
CA TYR A 26 -11.33 34.98 -12.83
C TYR A 26 -9.85 34.59 -12.91
N LEU A 27 -9.42 34.04 -14.04
CA LEU A 27 -7.99 33.67 -14.23
C LEU A 27 -7.16 34.95 -14.33
N PRO A 28 -6.23 35.16 -13.40
CA PRO A 28 -5.43 36.40 -13.50
C PRO A 28 -4.50 36.45 -14.71
N VAL A 29 -4.54 37.56 -15.45
CA VAL A 29 -3.73 37.77 -16.64
C VAL A 29 -2.75 38.96 -16.49
N THR A 30 -3.27 40.13 -16.17
CA THR A 30 -2.44 41.33 -16.12
C THR A 30 -1.61 41.42 -14.85
N PRO A 31 -0.46 42.15 -14.91
CA PRO A 31 0.33 42.35 -13.73
C PRO A 31 -0.49 42.76 -12.54
N ASP A 32 -1.46 43.65 -12.74
CA ASP A 32 -2.31 44.09 -11.66
C ASP A 32 -3.13 42.96 -11.06
N GLU A 33 -3.68 42.12 -11.95
CA GLU A 33 -4.49 40.99 -11.52
C GLU A 33 -3.66 39.96 -10.77
N VAL A 34 -2.46 39.73 -11.27
CA VAL A 34 -1.55 38.76 -10.64
C VAL A 34 -1.18 39.22 -9.26
N ALA A 35 -0.85 40.50 -9.15
CA ALA A 35 -0.49 41.03 -7.86
C ALA A 35 -1.66 41.02 -6.88
N GLN A 36 -2.83 41.47 -7.30
CA GLN A 36 -3.95 41.46 -6.36
C GLN A 36 -4.32 40.01 -5.99
N ALA A 37 -4.21 39.08 -6.93
CA ALA A 37 -4.47 37.65 -6.69
C ALA A 37 -3.54 37.14 -5.58
N SER A 38 -2.27 37.53 -5.69
CA SER A 38 -1.21 37.14 -4.78
C SER A 38 -1.33 37.77 -3.40
N ILE A 39 -1.67 39.04 -3.35
CA ILE A 39 -1.86 39.66 -2.06
C ILE A 39 -3.10 39.16 -1.35
N GLY A 40 -4.19 38.93 -2.09
CA GLY A 40 -5.39 38.37 -1.49
C GLY A 40 -5.18 36.96 -0.93
N ALA A 41 -4.38 36.16 -1.62
CA ALA A 41 -4.05 34.80 -1.18
C ALA A 41 -3.27 34.83 0.11
N ALA A 42 -2.30 35.75 0.19
CA ALA A 42 -1.51 35.94 1.38
C ALA A 42 -2.38 36.41 2.52
N GLU A 43 -3.29 37.34 2.28
CA GLU A 43 -4.20 37.76 3.31
C GLU A 43 -5.04 36.59 3.82
N ALA A 44 -5.39 35.66 2.92
CA ALA A 44 -6.19 34.49 3.32
C ALA A 44 -5.38 33.42 4.04
N GLY A 45 -4.05 33.55 4.02
CA GLY A 45 -3.16 32.61 4.73
C GLY A 45 -2.08 31.91 3.94
N ALA A 46 -1.97 32.18 2.65
CA ALA A 46 -0.92 31.57 1.85
C ALA A 46 0.44 32.12 2.26
N ALA A 47 1.37 31.21 2.60
CA ALA A 47 2.72 31.62 3.00
C ALA A 47 3.62 31.62 1.77
N VAL A 48 3.22 30.91 0.71
CA VAL A 48 4.02 30.84 -0.53
C VAL A 48 3.14 31.09 -1.75
N ILE A 49 3.60 31.98 -2.63
CA ILE A 49 2.92 32.34 -3.85
C ILE A 49 3.72 31.84 -5.05
N HIS A 50 3.17 30.87 -5.76
CA HIS A 50 3.79 30.27 -6.92
C HIS A 50 3.31 31.07 -8.14
N LEU A 51 4.28 31.62 -8.86
CA LEU A 51 4.03 32.61 -9.93
C LEU A 51 4.48 32.31 -11.32
N HIS A 52 3.57 32.60 -12.26
CA HIS A 52 3.89 32.64 -13.68
C HIS A 52 3.41 34.02 -14.14
N ALA A 53 3.87 34.41 -15.34
CA ALA A 53 3.47 35.67 -15.96
C ALA A 53 2.74 35.32 -17.23
N ARG A 54 1.83 36.21 -17.61
CA ARG A 54 1.06 36.07 -18.83
C ARG A 54 1.18 37.34 -19.67
N ASP A 55 1.05 37.19 -20.99
CA ASP A 55 1.07 38.35 -21.87
C ASP A 55 -0.23 39.04 -21.61
N PRO A 56 -0.20 40.29 -21.12
CA PRO A 56 -1.44 40.98 -20.80
C PRO A 56 -2.38 41.36 -21.96
N ARG A 57 -1.96 41.18 -23.20
CA ARG A 57 -2.83 41.49 -24.32
C ARG A 57 -3.75 40.34 -24.60
N ASP A 58 -3.24 39.11 -24.48
CA ASP A 58 -4.03 37.95 -24.81
C ASP A 58 -3.99 36.79 -23.79
N GLY A 59 -3.31 37.03 -22.68
CA GLY A 59 -3.15 36.04 -21.62
C GLY A 59 -2.21 34.87 -21.90
N ARG A 60 -1.47 34.87 -23.01
CA ARG A 60 -0.61 33.76 -23.29
C ARG A 60 0.57 33.67 -22.31
N PRO A 61 1.01 32.44 -22.00
CA PRO A 61 2.16 32.31 -21.14
C PRO A 61 3.39 32.99 -21.72
N THR A 62 4.17 33.60 -20.82
CA THR A 62 5.42 34.22 -21.17
C THR A 62 6.43 34.13 -20.02
N GLN A 63 7.64 33.70 -20.35
CA GLN A 63 8.73 33.66 -19.38
C GLN A 63 9.75 34.79 -19.61
N ASP A 64 9.28 35.91 -20.16
CA ASP A 64 10.14 37.09 -20.34
C ASP A 64 10.25 37.77 -19.00
N PRO A 65 11.47 37.89 -18.47
CA PRO A 65 11.56 38.56 -17.17
C PRO A 65 10.82 39.88 -17.13
N ALA A 66 10.75 40.56 -18.27
CA ALA A 66 10.01 41.82 -18.32
C ALA A 66 8.53 41.67 -17.91
N ALA A 67 7.92 40.50 -18.16
CA ALA A 67 6.49 40.28 -17.80
C ALA A 67 6.25 40.16 -16.28
N PHE A 68 7.32 39.98 -15.51
CA PHE A 68 7.28 39.92 -14.05
C PHE A 68 7.64 41.26 -13.37
N ALA A 69 8.24 42.15 -14.13
CA ALA A 69 8.83 43.40 -13.58
C ALA A 69 7.94 44.28 -12.72
N GLU A 70 6.64 44.33 -12.96
CA GLU A 70 5.74 45.17 -12.20
CA GLU A 70 5.76 45.17 -12.16
C GLU A 70 5.18 44.42 -10.99
N PHE A 71 4.68 43.20 -11.23
CA PHE A 71 4.02 42.49 -10.12
C PHE A 71 4.92 42.04 -8.98
N LEU A 72 6.16 41.71 -9.26
CA LEU A 72 7.02 41.19 -8.21
C LEU A 72 7.24 42.21 -7.10
N PRO A 73 7.68 43.42 -7.45
CA PRO A 73 7.86 44.46 -6.42
C PRO A 73 6.56 44.84 -5.74
N ARG A 74 5.45 44.84 -6.50
CA ARG A 74 4.14 45.15 -5.93
C ARG A 74 3.78 44.10 -4.87
N ILE A 75 3.99 42.82 -5.20
CA ILE A 75 3.72 41.75 -4.24
C ILE A 75 4.63 41.88 -3.01
N LYS A 76 5.93 41.96 -3.23
CA LYS A 76 6.93 42.08 -2.14
C LYS A 76 6.69 43.26 -1.16
N SER A 77 6.16 44.36 -1.68
CA SER A 77 5.91 45.55 -0.86
CA SER A 77 5.89 45.56 -0.89
C SER A 77 4.65 45.41 -0.03
N ASN A 78 3.76 44.52 -0.43
CA ASN A 78 2.50 44.35 0.26
C ASN A 78 2.34 43.10 1.11
N THR A 79 3.26 42.16 0.98
CA THR A 79 3.17 40.95 1.77
C THR A 79 4.54 40.31 1.93
N ASP A 80 4.73 39.59 3.05
CA ASP A 80 5.96 38.80 3.27
C ASP A 80 5.86 37.41 2.70
N ALA A 81 4.75 37.09 2.05
CA ALA A 81 4.59 35.79 1.49
C ALA A 81 5.78 35.51 0.58
N VAL A 82 6.33 34.31 0.64
CA VAL A 82 7.46 33.91 -0.19
C VAL A 82 7.10 33.84 -1.69
N ILE A 83 7.90 34.51 -2.52
CA ILE A 83 7.73 34.53 -3.95
C ILE A 83 8.44 33.32 -4.57
N ASN A 84 7.68 32.53 -5.31
CA ASN A 84 8.19 31.33 -5.90
C ASN A 84 7.97 31.42 -7.41
N LEU A 85 9.03 31.48 -8.19
CA LEU A 85 8.91 31.58 -9.66
C LEU A 85 9.05 30.28 -10.38
N THR A 86 8.22 30.11 -11.41
CA THR A 86 8.27 28.94 -12.24
C THR A 86 9.52 28.89 -13.14
N THR A 87 10.03 27.67 -13.39
CA THR A 87 11.11 27.42 -14.34
C THR A 87 10.58 26.59 -15.48
N GLY A 88 9.27 26.37 -15.49
CA GLY A 88 8.64 25.57 -16.53
C GLY A 88 7.98 26.54 -17.46
N GLY A 89 6.98 27.22 -16.89
CA GLY A 89 6.15 28.17 -17.60
C GLY A 89 5.28 27.31 -18.50
N SER A 90 5.31 27.60 -19.79
CA SER A 90 4.60 26.80 -20.75
C SER A 90 5.49 25.64 -21.21
N PRO A 91 4.94 24.40 -21.16
CA PRO A 91 5.64 23.22 -21.75
C PRO A 91 5.98 23.39 -23.26
N HIS A 92 5.36 24.36 -23.91
CA HIS A 92 5.65 24.66 -25.32
C HIS A 92 7.04 25.37 -25.45
N THR A 94 11.02 26.79 -24.58
CA THR A 94 12.37 26.17 -24.55
C THR A 94 13.14 26.37 -23.22
N VAL A 95 14.32 25.77 -23.06
CA VAL A 95 15.06 25.78 -21.74
C VAL A 95 15.79 27.03 -21.23
N GLU A 96 16.50 27.73 -22.10
CA GLU A 96 17.19 28.96 -21.68
C GLU A 96 16.15 30.02 -21.31
N GLU A 97 15.11 30.10 -22.13
CA GLU A 97 14.04 31.04 -21.94
C GLU A 97 13.28 30.72 -20.67
N ARG A 98 13.19 29.42 -20.37
CA ARG A 98 12.50 28.95 -19.17
C ARG A 98 13.17 29.48 -17.90
N LEU A 99 14.50 29.48 -17.87
CA LEU A 99 15.23 29.92 -16.67
C LEU A 99 15.48 31.40 -16.48
N ARG A 100 15.17 32.24 -17.45
CA ARG A 100 15.50 33.68 -17.27
C ARG A 100 14.92 34.37 -16.04
N PRO A 101 13.63 34.19 -15.77
CA PRO A 101 13.07 34.82 -14.59
C PRO A 101 13.76 34.43 -13.26
N ALA A 102 13.97 33.14 -13.07
CA ALA A 102 14.60 32.64 -11.85
C ALA A 102 16.03 33.12 -11.75
N THR A 103 16.75 33.00 -12.87
CA THR A 103 18.18 33.39 -12.90
C THR A 103 18.33 34.90 -12.75
N HIS A 104 17.38 35.68 -13.27
CA HIS A 104 17.43 37.13 -13.14
C HIS A 104 16.96 37.64 -11.78
N TYR A 105 15.80 37.16 -11.35
CA TYR A 105 15.19 37.65 -10.11
C TYR A 105 15.74 37.02 -8.84
N PRO A 107 14.83 34.41 -6.93
CA PRO A 107 13.84 34.28 -5.87
C PRO A 107 14.27 33.31 -4.77
N GLU A 108 13.58 33.31 -3.64
CA GLU A 108 13.85 32.39 -2.55
C GLU A 108 13.52 30.97 -2.98
N LEU A 109 12.48 30.87 -3.78
CA LEU A 109 12.02 29.57 -4.30
C LEU A 109 11.83 29.66 -5.80
N ALA A 110 12.04 28.52 -6.48
CA ALA A 110 11.69 28.37 -7.87
C ALA A 110 11.11 26.97 -8.04
N SER A 111 10.16 26.79 -8.95
CA SER A 111 9.61 25.46 -9.15
C SER A 111 10.60 24.70 -10.02
N LEU A 112 10.63 23.37 -9.90
CA LEU A 112 11.54 22.54 -10.71
C LEU A 112 10.81 21.23 -10.99
N ASN A 113 10.40 21.05 -12.24
CA ASN A 113 9.73 19.84 -12.67
C ASN A 113 10.77 18.72 -12.71
N GLY A 115 11.17 15.63 -14.25
CA GLY A 115 11.35 14.62 -15.26
C GLY A 115 10.57 14.99 -16.50
N SER A 116 11.09 14.61 -17.67
CA SER A 116 10.43 14.88 -18.94
C SER A 116 9.16 14.02 -18.97
N ASN A 118 4.86 13.67 -20.98
CA ASN A 118 3.78 14.23 -21.74
C ASN A 118 2.88 15.09 -20.80
N PHE A 119 2.26 16.10 -21.37
CA PHE A 119 1.29 16.96 -20.69
C PHE A 119 0.03 16.93 -21.57
N GLY A 120 -0.94 16.13 -21.22
CA GLY A 120 -2.13 16.00 -22.05
C GLY A 120 -3.18 17.02 -21.68
N LEU A 121 -3.20 18.14 -22.39
CA LEU A 121 -4.13 19.22 -22.11
C LEU A 121 -5.33 19.22 -23.05
N TYR A 122 -5.17 18.58 -24.19
CA TYR A 122 -6.20 18.49 -25.23
C TYR A 122 -7.55 17.99 -24.77
N PRO A 123 -7.63 17.11 -23.74
CA PRO A 123 -9.00 16.76 -23.33
C PRO A 123 -9.86 17.94 -22.83
N LEU A 125 -10.39 20.52 -24.37
CA LEU A 125 -11.19 20.97 -25.52
C LEU A 125 -12.59 20.32 -25.55
N GLU A 126 -12.82 19.29 -24.74
CA GLU A 126 -14.14 18.69 -24.66
C GLU A 126 -15.05 19.60 -23.85
N ARG A 127 -14.49 20.35 -22.89
CA ARG A 127 -15.29 21.25 -22.06
C ARG A 127 -15.33 22.67 -22.60
N PHE A 128 -14.21 23.14 -23.15
CA PHE A 128 -14.12 24.51 -23.66
C PHE A 128 -13.97 24.44 -25.16
N LYS A 129 -15.00 24.94 -25.83
CA LYS A 129 -15.12 24.91 -27.28
C LYS A 129 -14.87 26.25 -27.95
N GLU A 130 -15.16 27.31 -27.22
CA GLU A 130 -15.06 28.67 -27.74
C GLU A 130 -13.98 29.48 -27.04
N PHE A 131 -13.09 30.08 -27.83
CA PHE A 131 -11.94 30.84 -27.32
C PHE A 131 -11.82 32.26 -27.91
N ALA A 132 -11.49 33.21 -27.05
CA ALA A 132 -11.31 34.60 -27.43
C ALA A 132 -10.07 34.80 -28.29
N HIS A 133 -9.02 34.04 -28.05
CA HIS A 133 -7.79 34.22 -28.80
C HIS A 133 -7.39 32.95 -29.45
N GLY A 134 -6.79 33.06 -30.62
CA GLY A 134 -6.40 31.89 -31.36
C GLY A 134 -5.38 31.02 -30.67
N TRP A 135 -4.51 31.62 -29.86
CA TRP A 135 -3.44 30.86 -29.26
C TRP A 135 -3.97 29.79 -28.31
N GLU A 136 -5.15 30.04 -27.75
CA GLU A 136 -5.72 29.15 -26.70
C GLU A 136 -6.00 27.74 -27.19
N ARG A 137 -6.70 27.61 -28.32
CA ARG A 137 -7.02 26.28 -28.85
C ARG A 137 -5.74 25.56 -29.25
N GLU A 138 -4.84 26.29 -29.89
CA GLU A 138 -3.57 25.74 -30.31
C GLU A 138 -2.75 25.24 -29.09
N HIS A 139 -2.72 26.04 -28.04
CA HIS A 139 -2.05 25.69 -26.78
C HIS A 139 -2.52 24.31 -26.29
N LEU A 140 -3.84 24.07 -26.35
CA LEU A 140 -4.43 22.84 -25.93
C LEU A 140 -4.23 21.69 -26.90
N GLU A 141 -4.43 21.95 -28.19
CA GLU A 141 -4.31 20.87 -29.13
C GLU A 141 -2.87 20.42 -29.28
N ARG A 142 -1.95 21.38 -29.33
CA ARG A 142 -0.56 20.99 -29.54
C ARG A 142 0.09 20.25 -28.37
N SER A 143 -0.62 20.11 -27.26
CA SER A 143 -0.14 19.33 -26.13
C SER A 143 -0.11 17.86 -26.50
N ARG A 144 -0.94 17.44 -27.47
CA ARG A 144 -0.97 16.06 -27.87
C ARG A 144 0.40 15.62 -28.46
N ASP A 145 1.10 16.54 -29.11
CA ASP A 145 2.35 16.19 -29.78
C ASP A 145 3.60 16.82 -29.17
N LEU A 146 3.51 17.31 -27.95
CA LEU A 146 4.69 17.94 -27.37
C LEU A 146 5.12 17.29 -26.04
N VAL A 147 6.42 17.32 -25.78
CA VAL A 147 6.96 16.74 -24.57
C VAL A 147 7.35 17.87 -23.66
N PHE A 148 7.07 17.75 -22.36
CA PHE A 148 7.57 18.75 -21.44
C PHE A 148 8.96 18.21 -21.09
N LYS A 149 9.99 18.82 -21.67
CA LYS A 149 11.37 18.37 -21.53
C LYS A 149 12.06 18.89 -20.29
N ASN A 150 12.54 17.97 -19.46
CA ASN A 150 13.24 18.24 -18.23
CA ASN A 150 13.36 18.33 -18.32
C ASN A 150 14.24 17.09 -18.07
N THR A 151 15.30 17.05 -18.88
CA THR A 151 16.28 15.97 -18.85
C THR A 151 17.18 16.00 -17.61
N PHE A 152 17.92 14.92 -17.41
CA PHE A 152 18.88 14.88 -16.30
C PHE A 152 19.91 16.02 -16.38
N ALA A 153 20.30 16.41 -17.60
CA ALA A 153 21.20 17.56 -17.80
C ALA A 153 20.52 18.86 -17.46
N ASP A 154 19.27 19.03 -17.92
CA ASP A 154 18.49 20.22 -17.61
C ASP A 154 18.36 20.44 -16.11
N ILE A 155 18.02 19.37 -15.39
CA ILE A 155 17.81 19.48 -13.94
C ILE A 155 19.12 19.82 -13.25
N GLU A 156 20.19 19.13 -13.61
CA GLU A 156 21.50 19.44 -13.07
C GLU A 156 21.86 20.92 -13.31
N PHE A 157 21.56 21.41 -14.51
CA PHE A 157 21.83 22.81 -14.83
C PHE A 157 21.06 23.76 -13.96
N ILE A 158 19.77 23.51 -13.78
CA ILE A 158 18.93 24.37 -12.93
C ILE A 158 19.42 24.34 -11.48
N LEU A 159 19.76 23.16 -10.98
CA LEU A 159 20.19 23.04 -9.59
C LEU A 159 21.45 23.84 -9.36
N LYS A 160 22.39 23.72 -10.30
CA LYS A 160 23.66 24.43 -10.16
C LYS A 160 23.48 25.92 -10.32
N THR A 161 22.76 26.33 -11.36
CA THR A 161 22.59 27.74 -11.67
C THR A 161 21.77 28.50 -10.64
N CYS A 162 20.53 28.09 -10.46
CA CYS A 162 19.65 28.74 -9.49
C CYS A 162 20.15 28.48 -8.08
N GLY A 163 20.63 27.28 -7.82
CA GLY A 163 21.16 26.92 -6.50
C GLY A 163 22.25 27.89 -6.09
N GLY A 164 23.13 28.21 -7.04
CA GLY A 164 24.19 29.17 -6.83
C GLY A 164 23.71 30.54 -6.42
N ASN A 165 22.47 30.90 -6.70
CA ASN A 165 21.97 32.20 -6.32
C ASN A 165 21.22 32.13 -5.00
N GLY A 166 21.36 31.05 -4.24
CA GLY A 166 20.62 30.86 -2.97
C GLY A 166 19.14 30.47 -3.13
N THR A 167 18.71 30.27 -4.38
CA THR A 167 17.34 29.88 -4.68
C THR A 167 17.16 28.42 -4.34
N ARG A 168 16.07 28.11 -3.63
CA ARG A 168 15.75 26.73 -3.28
C ARG A 168 14.54 26.32 -4.07
N PHE A 169 14.27 25.05 -4.11
CA PHE A 169 13.25 24.58 -5.05
C PHE A 169 12.03 23.93 -4.50
N GLU A 170 10.94 24.16 -5.22
CA GLU A 170 9.69 23.45 -5.04
C GLU A 170 9.83 22.36 -6.11
N PHE A 171 10.18 21.13 -5.69
CA PHE A 171 10.35 20.02 -6.60
C PHE A 171 8.97 19.47 -6.94
N GLU A 172 8.58 19.64 -8.20
CA GLU A 172 7.28 19.23 -8.67
C GLU A 172 7.43 17.83 -9.18
N CYS A 173 6.89 16.89 -8.42
CA CYS A 173 7.02 15.47 -8.76
C CYS A 173 5.65 14.94 -9.18
N TYR A 174 5.51 14.64 -10.44
CA TYR A 174 4.24 14.15 -11.00
C TYR A 174 4.04 12.64 -11.01
N ASP A 175 5.03 11.90 -10.55
CA ASP A 175 4.94 10.45 -10.51
C ASP A 175 6.08 9.88 -9.68
N THR A 176 6.07 8.56 -9.45
CA THR A 176 7.09 7.90 -8.64
C THR A 176 8.48 8.15 -9.20
N SER A 177 8.61 8.08 -10.53
CA SER A 177 9.91 8.23 -11.20
C SER A 177 10.53 9.55 -10.82
N HIS A 178 9.70 10.57 -10.59
CA HIS A 178 10.23 11.91 -10.20
C HIS A 178 10.88 11.96 -8.85
N LEU A 179 10.33 11.21 -7.89
CA LEU A 179 10.91 11.08 -6.56
C LEU A 179 12.23 10.35 -6.65
N TYR A 180 12.27 9.29 -7.44
CA TYR A 180 13.51 8.58 -7.69
C TYR A 180 14.54 9.46 -8.43
N ASN A 181 14.07 10.30 -9.33
CA ASN A 181 15.00 11.17 -10.06
C ASN A 181 15.57 12.17 -9.05
N LEU A 182 14.76 12.70 -8.12
CA LEU A 182 15.25 13.61 -7.09
C LEU A 182 16.25 12.90 -6.22
N ALA A 183 15.98 11.65 -5.85
CA ALA A 183 16.91 10.86 -5.00
C ALA A 183 18.29 10.74 -5.67
N HIS A 184 18.31 10.62 -6.98
CA HIS A 184 19.53 10.54 -7.77
C HIS A 184 20.36 11.79 -7.52
N PHE A 185 19.74 12.96 -7.67
CA PHE A 185 20.43 14.23 -7.45
C PHE A 185 20.80 14.48 -6.00
N VAL A 186 19.97 14.00 -5.07
CA VAL A 186 20.27 14.14 -3.65
C VAL A 186 21.50 13.28 -3.33
N ASP A 187 21.56 12.08 -3.87
CA ASP A 187 22.70 11.21 -3.66
C ASP A 187 23.97 11.81 -4.22
N ARG A 188 23.83 12.56 -5.31
CA ARG A 188 24.97 13.24 -5.93
C ARG A 188 25.26 14.55 -5.20
N LYS A 189 24.55 14.83 -4.11
CA LYS A 189 24.73 16.05 -3.30
C LYS A 189 24.47 17.33 -4.06
N LEU A 190 23.64 17.27 -5.12
CA LEU A 190 23.37 18.45 -5.95
C LEU A 190 22.20 19.30 -5.46
N ALA A 191 21.56 18.85 -4.38
CA ALA A 191 20.46 19.54 -3.73
C ALA A 191 20.67 19.25 -2.25
N THR A 192 20.48 20.26 -1.38
CA THR A 192 20.62 20.07 0.05
C THR A 192 19.26 20.13 0.78
N PRO A 193 19.13 19.41 1.89
CA PRO A 193 17.87 19.38 2.64
C PRO A 193 17.57 20.67 3.39
N PRO A 194 16.29 20.92 3.72
CA PRO A 194 15.11 20.10 3.44
C PRO A 194 14.60 20.23 2.01
N PHE A 195 14.11 19.15 1.45
CA PHE A 195 13.62 19.19 0.07
C PHE A 195 12.13 19.45 0.10
N PHE A 196 11.70 20.50 -0.60
CA PHE A 196 10.28 20.84 -0.70
C PHE A 196 9.69 20.04 -1.86
N VAL A 197 9.02 18.96 -1.51
CA VAL A 197 8.50 18.00 -2.50
C VAL A 197 7.01 18.24 -2.68
N GLN A 198 6.65 18.70 -3.89
CA GLN A 198 5.30 19.02 -4.24
C GLN A 198 4.84 17.85 -5.12
N THR A 199 4.02 17.01 -4.56
CA THR A 199 3.50 15.83 -5.31
C THR A 199 2.24 16.28 -6.00
N VAL A 200 2.25 16.11 -7.34
CA VAL A 200 1.21 16.60 -8.26
C VAL A 200 0.37 15.48 -8.82
N PHE A 201 -0.93 15.51 -8.52
CA PHE A 201 -1.85 14.42 -8.95
C PHE A 201 -2.91 14.88 -9.89
N GLY A 202 -3.29 14.00 -10.81
CA GLY A 202 -4.44 14.26 -11.64
C GLY A 202 -4.26 14.84 -13.00
N LEU A 203 -3.03 14.97 -13.49
CA LEU A 203 -2.80 15.51 -14.83
C LEU A 203 -2.56 14.37 -15.75
N LEU A 204 -3.17 14.39 -16.93
CA LEU A 204 -2.94 13.35 -17.92
C LEU A 204 -1.49 13.48 -18.36
N GLY A 205 -0.73 12.41 -18.19
CA GLY A 205 0.71 12.40 -18.43
C GLY A 205 1.47 12.25 -17.13
N GLY A 206 0.79 12.49 -16.00
CA GLY A 206 1.35 12.29 -14.66
C GLY A 206 0.54 11.21 -13.92
N ILE A 207 0.83 11.05 -12.63
CA ILE A 207 0.08 10.07 -11.81
C ILE A 207 -1.36 10.57 -11.58
N GLY A 208 -2.32 9.65 -11.44
CA GLY A 208 -3.68 10.04 -11.22
C GLY A 208 -3.97 10.54 -9.81
N PRO A 209 -5.24 10.77 -9.52
CA PRO A 209 -5.67 11.33 -8.27
C PRO A 209 -6.23 10.38 -7.23
N HIS A 210 -5.91 9.09 -7.31
CA HIS A 210 -6.53 8.16 -6.39
C HIS A 210 -5.85 8.23 -5.03
N PRO A 211 -6.61 8.05 -3.93
CA PRO A 211 -5.97 7.94 -2.63
C PRO A 211 -4.72 7.04 -2.58
N GLU A 212 -4.77 5.91 -3.26
CA GLU A 212 -3.62 5.03 -3.35
C GLU A 212 -2.41 5.66 -4.02
N ASP A 213 -2.65 6.52 -5.00
CA ASP A 213 -1.60 7.16 -5.73
C ASP A 213 -0.91 8.07 -4.72
N LEU A 214 -1.71 8.77 -3.94
CA LEU A 214 -1.18 9.67 -2.89
C LEU A 214 -0.39 8.91 -1.81
N ALA A 215 -0.94 7.83 -1.27
CA ALA A 215 -0.25 7.01 -0.25
C ALA A 215 1.08 6.51 -0.80
N HIS A 216 1.12 6.11 -2.06
CA HIS A 216 2.39 5.61 -2.59
CA HIS A 216 2.35 5.64 -2.68
C HIS A 216 3.44 6.71 -2.77
N ARG A 218 3.74 9.27 -0.84
CA ARG A 218 4.30 9.51 0.51
C ARG A 218 5.24 8.41 0.96
N ARG A 219 4.83 7.16 0.76
CA ARG A 219 5.64 6.02 1.17
C ARG A 219 7.01 6.05 0.48
N THR A 220 7.02 6.46 -0.80
CA THR A 220 8.22 6.46 -1.61
C THR A 220 9.13 7.53 -1.05
N ALA A 221 8.54 8.68 -0.94
CA ALA A 221 9.30 9.88 -0.40
C ALA A 221 9.81 9.56 0.98
N ASP A 222 8.96 9.02 1.85
CA ASP A 222 9.41 8.72 3.22
C ASP A 222 10.64 7.81 3.19
N ARG A 223 10.60 6.81 2.32
CA ARG A 223 11.70 5.87 2.21
C ARG A 223 12.96 6.48 1.62
N LEU A 224 12.82 7.34 0.62
CA LEU A 224 13.96 7.91 -0.07
C LEU A 224 14.60 9.05 0.71
N PHE A 225 13.79 9.85 1.34
CA PHE A 225 14.27 11.08 1.99
C PHE A 225 14.14 11.13 3.51
N GLY A 226 13.37 10.21 4.09
CA GLY A 226 13.22 10.20 5.54
C GLY A 226 12.72 11.53 6.04
N ALA A 227 13.35 12.04 7.08
CA ALA A 227 12.97 13.33 7.68
C ALA A 227 13.50 14.55 6.93
N ASP A 228 14.22 14.34 5.83
CA ASP A 228 14.83 15.43 5.07
C ASP A 228 13.97 16.10 4.03
N TYR A 229 12.68 15.81 3.97
CA TYR A 229 11.84 16.45 2.99
C TYR A 229 10.60 17.02 3.65
N VAL A 230 10.05 18.06 3.03
CA VAL A 230 8.82 18.72 3.43
C VAL A 230 7.82 18.44 2.30
N TRP A 231 6.70 17.85 2.66
CA TRP A 231 5.73 17.38 1.69
C TRP A 231 4.58 18.33 1.45
N SER A 232 4.26 18.56 0.16
CA SER A 232 3.10 19.36 -0.16
C SER A 232 2.33 18.60 -1.22
N ILE A 233 1.04 18.79 -1.16
CA ILE A 233 0.12 18.12 -2.07
C ILE A 233 -0.52 19.10 -3.04
N LEU A 234 -0.54 18.73 -4.34
CA LEU A 234 -1.20 19.49 -5.36
C LEU A 234 -2.13 18.52 -6.09
N GLY A 235 -3.42 18.67 -5.88
CA GLY A 235 -4.41 17.93 -6.64
C GLY A 235 -4.97 18.80 -7.72
N ALA A 236 -4.99 18.30 -8.96
CA ALA A 236 -5.48 19.08 -10.06
C ALA A 236 -7.02 19.10 -10.13
N GLY A 237 -7.53 20.26 -10.54
CA GLY A 237 -8.96 20.45 -10.68
C GLY A 237 -9.79 20.09 -9.46
N ARG A 238 -10.82 19.27 -9.68
CA ARG A 238 -11.74 18.86 -8.61
CA ARG A 238 -11.73 18.88 -8.62
C ARG A 238 -11.07 18.12 -7.45
N HIS A 239 -9.87 17.60 -7.69
CA HIS A 239 -9.12 16.82 -6.67
C HIS A 239 -8.33 17.71 -5.75
N GLN A 240 -8.38 19.00 -6.05
CA GLN A 240 -7.60 19.94 -5.27
C GLN A 240 -7.83 19.81 -3.75
N ILE A 241 -9.07 20.00 -3.31
CA ILE A 241 -9.35 19.99 -1.89
C ILE A 241 -9.31 18.60 -1.26
N PRO A 242 -9.95 17.59 -1.88
CA PRO A 242 -9.85 16.28 -1.25
C PRO A 242 -8.44 15.76 -1.02
N LEU A 243 -7.58 15.87 -2.02
CA LEU A 243 -6.22 15.37 -1.87
C LEU A 243 -5.43 16.22 -0.88
N ALA A 244 -5.62 17.53 -0.92
CA ALA A 244 -4.92 18.41 0.04
C ALA A 244 -5.37 18.04 1.47
N SER A 245 -6.65 17.72 1.62
CA SER A 245 -7.24 17.33 2.89
C SER A 245 -6.58 16.04 3.41
N ILE A 246 -6.49 15.04 2.52
CA ILE A 246 -5.83 13.79 2.90
C ILE A 246 -4.39 14.05 3.40
N GLY A 247 -3.62 14.89 2.70
CA GLY A 247 -2.27 15.23 3.09
C GLY A 247 -2.25 16.01 4.37
N ALA A 248 -3.16 17.00 4.52
CA ALA A 248 -3.13 17.91 5.71
C ALA A 248 -3.38 17.11 7.00
N ALA A 249 -4.27 16.12 6.87
CA ALA A 249 -4.65 15.23 7.98
C ALA A 249 -3.53 14.36 8.45
N GLN A 250 -2.45 14.22 7.69
CA GLN A 250 -1.39 13.37 8.07
C GLN A 250 -0.08 14.10 8.13
N GLY A 251 -0.17 15.40 8.33
CA GLY A 251 1.02 16.23 8.56
C GLY A 251 1.62 16.93 7.35
N ALA A 252 0.99 16.77 6.18
CA ALA A 252 1.54 17.42 4.99
C ALA A 252 1.11 18.90 4.87
N ASN A 253 1.73 19.55 3.89
CA ASN A 253 1.45 20.92 3.54
C ASN A 253 0.59 20.90 2.31
N VAL A 254 0.02 22.05 1.94
CA VAL A 254 -1.00 22.04 0.87
C VAL A 254 -0.80 23.10 -0.21
N ARG A 255 -1.25 22.81 -1.42
CA ARG A 255 -1.16 23.77 -2.53
C ARG A 255 -2.53 23.93 -3.13
N VAL A 256 -2.92 25.19 -3.28
CA VAL A 256 -4.18 25.55 -3.92
C VAL A 256 -3.86 26.60 -5.02
N GLY A 257 -4.90 27.10 -5.69
CA GLY A 257 -4.74 28.12 -6.72
C GLY A 257 -5.41 27.88 -8.05
N LEU A 258 -5.74 28.97 -8.74
CA LEU A 258 -6.39 28.93 -10.05
C LEU A 258 -5.50 28.38 -11.15
N GLU A 259 -4.20 28.35 -10.90
CA GLU A 259 -3.29 27.67 -11.80
C GLU A 259 -3.67 26.19 -11.94
N ASP A 260 -4.05 25.60 -10.80
CA ASP A 260 -4.30 24.16 -10.61
C ASP A 260 -5.76 23.75 -10.75
N SER A 261 -6.67 24.60 -10.30
CA SER A 261 -8.11 24.35 -10.40
C SER A 261 -8.86 25.63 -10.61
N LEU A 262 -9.81 25.63 -11.53
CA LEU A 262 -10.64 26.80 -11.76
C LEU A 262 -11.86 26.87 -10.85
N TRP A 263 -12.09 25.80 -10.08
CA TRP A 263 -13.32 25.62 -9.27
C TRP A 263 -13.22 25.82 -7.79
N ILE A 264 -14.35 26.18 -7.19
CA ILE A 264 -14.43 26.36 -5.75
C ILE A 264 -15.37 25.36 -5.16
N ALA A 265 -16.18 24.76 -6.01
CA ALA A 265 -17.07 23.71 -5.60
C ALA A 265 -17.54 23.12 -6.91
N PRO A 266 -18.17 21.95 -6.89
CA PRO A 266 -18.61 21.36 -8.16
C PRO A 266 -19.43 22.30 -9.02
N GLY A 267 -18.99 22.49 -10.26
CA GLY A 267 -19.67 23.39 -11.21
C GLY A 267 -19.73 24.87 -10.85
N GLU A 268 -18.87 25.31 -9.92
CA GLU A 268 -18.88 26.69 -9.51
C GLU A 268 -17.45 27.20 -9.63
N LEU A 269 -17.24 28.19 -10.49
CA LEU A 269 -15.92 28.74 -10.67
C LEU A 269 -15.48 29.51 -9.43
N ALA A 270 -14.21 29.36 -9.09
CA ALA A 270 -13.59 30.11 -8.01
C ALA A 270 -13.44 31.57 -8.46
N GLU A 271 -13.97 32.50 -7.68
CA GLU A 271 -13.86 33.92 -8.04
C GLU A 271 -12.48 34.49 -7.76
N THR A 272 -11.84 33.97 -6.72
CA THR A 272 -10.48 34.34 -6.41
C THR A 272 -9.69 33.10 -5.96
N ASN A 273 -8.37 33.28 -5.96
CA ASN A 273 -7.39 32.34 -5.43
C ASN A 273 -7.63 32.27 -3.92
N ALA A 274 -7.86 33.43 -3.31
CA ALA A 274 -8.13 33.50 -1.89
C ALA A 274 -9.33 32.64 -1.46
N ALA A 275 -10.34 32.52 -2.30
CA ALA A 275 -11.49 31.70 -1.98
C ALA A 275 -11.02 30.26 -1.69
N GLN A 276 -10.07 29.78 -2.51
CA GLN A 276 -9.52 28.44 -2.37
C GLN A 276 -8.65 28.27 -1.14
N VAL A 277 -7.93 29.33 -0.76
CA VAL A 277 -7.14 29.30 0.46
C VAL A 277 -8.12 29.18 1.62
N ARG A 278 -9.22 29.91 1.56
CA ARG A 278 -10.23 29.82 2.64
C ARG A 278 -10.86 28.45 2.74
N LYS A 279 -11.09 27.82 1.61
CA LYS A 279 -11.72 26.51 1.60
C LYS A 279 -10.83 25.47 2.27
N ILE A 280 -9.54 25.43 1.93
CA ILE A 280 -8.64 24.46 2.56
C ILE A 280 -8.44 24.80 4.02
N ARG A 281 -8.54 26.08 4.36
CA ARG A 281 -8.45 26.47 5.73
C ARG A 281 -9.60 25.97 6.61
N GLN A 282 -10.77 25.70 6.02
CA GLN A 282 -11.89 25.12 6.76
C GLN A 282 -11.49 23.71 7.26
N VAL A 283 -10.85 22.96 6.38
CA VAL A 283 -10.29 21.64 6.70
C VAL A 283 -9.18 21.73 7.72
N ILE A 284 -8.23 22.60 7.45
CA ILE A 284 -7.10 22.83 8.41
C ILE A 284 -7.64 23.09 9.82
N GLU A 285 -8.58 24.03 9.94
CA GLU A 285 -9.20 24.36 11.22
C GLU A 285 -9.93 23.18 11.87
N GLY A 286 -10.75 22.47 11.08
CA GLY A 286 -11.44 21.23 11.53
C GLY A 286 -10.44 20.23 12.12
N LEU A 287 -9.28 20.14 11.50
CA LEU A 287 -8.20 19.28 11.97
C LEU A 287 -7.45 19.86 13.17
N SER A 288 -7.86 21.04 13.65
CA SER A 288 -7.21 21.71 14.78
C SER A 288 -5.76 22.03 14.51
N LEU A 289 -5.44 22.36 13.25
CA LEU A 289 -4.10 22.73 12.86
C LEU A 289 -4.06 24.24 12.61
N GLU A 290 -2.84 24.78 12.61
CA GLU A 290 -2.61 26.17 12.38
C GLU A 290 -1.89 26.35 11.07
N VAL A 291 -2.14 27.49 10.44
CA VAL A 291 -1.48 27.84 9.19
C VAL A 291 -0.11 28.48 9.47
N ALA A 292 0.91 28.08 8.70
CA ALA A 292 2.24 28.67 8.81
C ALA A 292 2.26 30.07 8.23
N SER A 293 2.93 30.97 8.96
CA SER A 293 3.15 32.30 8.46
C SER A 293 4.32 32.20 7.46
N PRO A 294 4.53 33.24 6.66
CA PRO A 294 5.73 33.25 5.81
C PRO A 294 7.06 33.04 6.60
N ALA A 295 7.22 33.72 7.73
CA ALA A 295 8.44 33.54 8.54
C ALA A 295 8.62 32.06 8.90
N GLU A 296 7.53 31.42 9.30
CA GLU A 296 7.56 29.98 9.65
C GLU A 296 7.90 29.10 8.47
N ALA A 297 7.33 29.40 7.30
CA ALA A 297 7.61 28.61 6.08
C ALA A 297 9.09 28.75 5.70
N ARG A 298 9.63 29.95 5.84
CA ARG A 298 11.04 30.17 5.53
C ARG A 298 11.96 29.31 6.40
N THR A 299 11.61 29.17 7.68
CA THR A 299 12.38 28.34 8.62
C THR A 299 12.23 26.89 8.22
N LEU A 301 11.48 25.58 5.38
CA LEU A 301 12.07 25.36 4.06
C LEU A 301 13.54 25.77 3.87
N GLY A 302 14.16 26.35 4.91
CA GLY A 302 15.56 26.81 4.87
C GLY A 302 15.77 27.92 3.85
N LEU A 303 14.84 28.87 3.77
CA LEU A 303 14.87 29.91 2.74
C LEU A 303 15.80 31.10 3.11
N LYS A 304 16.30 31.80 2.08
CA LYS A 304 17.30 32.87 2.27
C LYS A 304 16.81 34.23 2.81
N GLY A 305 15.51 34.50 2.76
CA GLY A 305 15.00 35.76 3.28
C GLY A 305 14.46 36.66 2.19
N PRO A 306 13.38 37.39 2.50
CA PRO A 306 12.62 38.22 1.57
C PRO A 306 13.38 39.36 0.95
N GLN A 307 14.48 39.75 1.58
CA GLN A 307 15.27 40.85 1.10
C GLN A 307 16.43 40.36 0.28
N ASN A 308 16.75 39.08 0.38
CA ASN A 308 17.83 38.49 -0.42
C ASN A 308 17.38 38.04 -1.81
N VAL A 309 16.63 38.90 -2.49
CA VAL A 309 16.16 38.61 -3.84
C VAL A 309 16.49 39.80 -4.74
N ASN A 310 16.52 39.58 -6.05
CA ASN A 310 16.83 40.63 -7.01
C ASN A 310 15.57 41.31 -7.59
N PHE A 311 14.77 41.87 -6.70
CA PHE A 311 13.59 42.67 -7.08
C PHE A 311 13.09 43.30 -5.81
N SER B 5 -5.91 -17.73 -17.65
CA SER B 5 -4.97 -18.90 -17.61
C SER B 5 -3.94 -18.85 -16.47
N ARG B 6 -3.61 -20.02 -15.91
CA ARG B 6 -2.57 -20.14 -14.87
C ARG B 6 -1.17 -20.40 -15.45
N LYS B 7 -1.03 -20.50 -16.78
CA LYS B 7 0.30 -20.73 -17.37
C LYS B 7 1.06 -19.44 -17.30
N VAL B 8 2.38 -19.51 -17.15
CA VAL B 8 3.20 -18.32 -17.11
C VAL B 8 3.90 -18.07 -18.46
N ILE B 9 3.66 -16.90 -19.02
CA ILE B 9 4.31 -16.50 -20.26
C ILE B 9 5.68 -15.89 -19.92
N ILE B 10 6.75 -16.49 -20.45
CA ILE B 10 8.10 -15.96 -20.32
C ILE B 10 8.40 -15.26 -21.63
N THR B 11 8.62 -13.97 -21.52
CA THR B 11 9.09 -13.15 -22.63
C THR B 11 10.58 -13.06 -22.38
N CYS B 12 11.37 -13.17 -23.46
CA CYS B 12 12.81 -13.02 -23.38
C CYS B 12 13.25 -11.95 -24.34
N ALA B 13 13.81 -10.87 -23.81
CA ALA B 13 14.33 -9.76 -24.56
C ALA B 13 15.83 -10.02 -24.75
N VAL B 14 16.17 -10.51 -25.95
CA VAL B 14 17.53 -11.06 -26.23
C VAL B 14 18.73 -10.08 -26.27
N THR B 15 18.51 -8.83 -26.65
CA THR B 15 19.61 -7.91 -26.75
C THR B 15 19.34 -6.42 -26.54
N GLY B 16 18.21 -5.93 -27.03
CA GLY B 16 17.90 -4.51 -26.81
C GLY B 16 18.82 -3.46 -27.37
N ALA B 17 18.75 -2.28 -26.77
CA ALA B 17 19.52 -1.14 -27.22
C ALA B 17 20.17 -0.40 -26.08
N ILE B 18 20.06 -0.89 -24.84
CA ILE B 18 20.65 -0.16 -23.71
C ILE B 18 22.07 -0.63 -23.42
N HIS B 19 22.22 -1.94 -23.28
CA HIS B 19 23.52 -2.51 -23.03
C HIS B 19 24.39 -2.35 -24.28
N THR B 20 25.69 -2.25 -24.07
CA THR B 20 26.65 -2.15 -25.17
C THR B 20 27.58 -3.35 -25.14
N PRO B 21 28.14 -3.72 -26.31
CA PRO B 21 28.99 -4.90 -26.49
C PRO B 21 30.13 -5.06 -25.49
N SER B 22 30.75 -3.97 -25.08
CA SER B 22 31.88 -4.07 -24.20
C SER B 22 31.52 -4.48 -22.81
N SER B 24 29.62 -7.06 -22.02
CA SER B 24 29.55 -8.48 -21.91
C SER B 24 29.76 -9.12 -23.26
N PRO B 25 30.64 -10.13 -23.33
CA PRO B 25 30.85 -10.83 -24.56
C PRO B 25 29.66 -11.67 -24.93
N TYR B 26 28.69 -11.80 -24.02
CA TYR B 26 27.51 -12.63 -24.25
C TYR B 26 26.33 -11.88 -24.82
N LEU B 27 26.41 -10.57 -24.84
CA LEU B 27 25.35 -9.75 -25.44
C LEU B 27 25.24 -10.05 -26.95
N PRO B 28 24.11 -10.61 -27.42
CA PRO B 28 24.06 -10.87 -28.87
C PRO B 28 24.23 -9.63 -29.73
N VAL B 29 25.02 -9.74 -30.79
CA VAL B 29 25.22 -8.62 -31.71
C VAL B 29 24.92 -9.02 -33.18
N THR B 30 25.47 -10.15 -33.63
CA THR B 30 25.29 -10.53 -35.02
C THR B 30 23.95 -11.20 -35.25
N PRO B 31 23.44 -11.10 -36.48
CA PRO B 31 22.25 -11.81 -36.86
C PRO B 31 22.21 -13.26 -36.40
N ASP B 32 23.34 -13.97 -36.50
CA ASP B 32 23.33 -15.37 -36.09
C ASP B 32 23.19 -15.43 -34.57
N GLU B 33 23.89 -14.54 -33.87
CA GLU B 33 23.83 -14.54 -32.40
C GLU B 33 22.43 -14.26 -31.86
N VAL B 34 21.71 -13.38 -32.56
CA VAL B 34 20.35 -13.01 -32.19
C VAL B 34 19.41 -14.18 -32.43
N ALA B 35 19.60 -14.83 -33.56
CA ALA B 35 18.81 -15.97 -33.91
C ALA B 35 19.04 -17.11 -32.94
N GLN B 36 20.31 -17.38 -32.64
CA GLN B 36 20.65 -18.48 -31.72
C GLN B 36 20.17 -18.17 -30.30
N ALA B 37 20.36 -16.93 -29.87
CA ALA B 37 19.85 -16.46 -28.56
C ALA B 37 18.35 -16.76 -28.43
N SER B 38 17.62 -16.43 -29.51
CA SER B 38 16.17 -16.59 -29.58
C SER B 38 15.71 -18.05 -29.57
N ILE B 39 16.31 -18.85 -30.44
CA ILE B 39 15.94 -20.27 -30.52
C ILE B 39 16.27 -20.93 -29.18
N GLY B 40 17.42 -20.59 -28.62
CA GLY B 40 17.83 -21.15 -27.32
C GLY B 40 16.93 -20.68 -26.19
N ALA B 41 16.50 -19.43 -26.23
CA ALA B 41 15.55 -18.88 -25.20
C ALA B 41 14.23 -19.61 -25.32
N ALA B 42 13.75 -19.66 -26.55
CA ALA B 42 12.54 -20.41 -26.88
C ALA B 42 12.65 -21.89 -26.49
N GLU B 43 13.78 -22.52 -26.75
CA GLU B 43 13.93 -23.93 -26.39
C GLU B 43 13.94 -24.10 -24.88
N ALA B 44 14.46 -23.08 -24.20
CA ALA B 44 14.52 -23.03 -22.75
C ALA B 44 13.13 -22.79 -22.12
N GLY B 45 12.17 -22.29 -22.91
CA GLY B 45 10.80 -22.05 -22.44
C GLY B 45 10.16 -20.68 -22.69
N ALA B 46 10.85 -19.77 -23.35
CA ALA B 46 10.32 -18.45 -23.68
C ALA B 46 9.29 -18.57 -24.81
N ALA B 47 8.07 -18.11 -24.55
CA ALA B 47 6.96 -18.13 -25.52
C ALA B 47 6.99 -16.90 -26.41
N VAL B 48 7.61 -15.81 -25.94
CA VAL B 48 7.67 -14.57 -26.68
C VAL B 48 9.10 -14.10 -26.69
N ILE B 49 9.58 -13.71 -27.87
CA ILE B 49 10.94 -13.20 -28.03
C ILE B 49 10.83 -11.77 -28.45
N HIS B 50 11.46 -10.92 -27.66
CA HIS B 50 11.43 -9.48 -27.83
C HIS B 50 12.74 -9.08 -28.46
N LEU B 51 12.63 -8.63 -29.71
CA LEU B 51 13.78 -8.35 -30.59
C LEU B 51 14.09 -6.94 -31.00
N HIS B 52 15.39 -6.65 -30.94
CA HIS B 52 16.03 -5.52 -31.51
C HIS B 52 17.10 -6.10 -32.45
N ALA B 53 17.59 -5.25 -33.36
CA ALA B 53 18.67 -5.58 -34.27
C ALA B 53 19.82 -4.70 -33.91
N ARG B 54 21.03 -5.20 -34.16
CA ARG B 54 22.22 -4.40 -33.96
C ARG B 54 23.07 -4.60 -35.21
N ASP B 55 24.02 -3.70 -35.34
CA ASP B 55 24.99 -3.72 -36.43
C ASP B 55 25.96 -4.88 -36.19
N PRO B 56 25.99 -5.88 -37.11
CA PRO B 56 26.83 -7.07 -36.87
C PRO B 56 28.29 -6.70 -36.61
N ARG B 57 28.70 -5.53 -37.09
CA ARG B 57 30.08 -5.11 -36.98
C ARG B 57 30.49 -4.57 -35.64
N ASP B 58 29.74 -3.60 -35.12
CA ASP B 58 30.13 -2.98 -33.84
C ASP B 58 29.01 -2.96 -32.79
N GLY B 59 27.93 -3.68 -33.06
CA GLY B 59 26.85 -3.80 -32.12
C GLY B 59 25.98 -2.59 -31.86
N ARG B 60 26.17 -1.48 -32.57
CA ARG B 60 25.34 -0.31 -32.32
C ARG B 60 23.87 -0.63 -32.70
N PRO B 61 22.92 -0.07 -31.94
CA PRO B 61 21.52 -0.35 -32.25
C PRO B 61 21.13 0.08 -33.65
N THR B 62 20.32 -0.73 -34.33
CA THR B 62 19.81 -0.34 -35.63
C THR B 62 18.37 -0.76 -35.81
N GLN B 63 17.57 0.17 -36.33
CA GLN B 63 16.15 -0.09 -36.64
C GLN B 63 15.84 -0.29 -38.17
N ASP B 64 16.88 -0.48 -38.96
CA ASP B 64 16.71 -0.71 -40.39
C ASP B 64 16.10 -2.11 -40.58
N PRO B 65 14.94 -2.20 -41.23
CA PRO B 65 14.38 -3.54 -41.37
C PRO B 65 15.33 -4.55 -42.03
N ALA B 66 16.32 -4.02 -42.76
CA ALA B 66 17.38 -4.81 -43.42
C ALA B 66 18.06 -5.67 -42.39
N ALA B 67 18.42 -5.04 -41.25
CA ALA B 67 19.04 -5.73 -40.11
C ALA B 67 18.26 -6.94 -39.52
N PHE B 68 16.95 -7.01 -39.74
CA PHE B 68 16.15 -8.10 -39.27
C PHE B 68 15.89 -9.19 -40.31
N ALA B 69 16.20 -8.90 -41.59
CA ALA B 69 15.85 -9.77 -42.73
C ALA B 69 16.38 -11.17 -42.60
N GLU B 70 17.62 -11.27 -42.12
CA GLU B 70 18.26 -12.56 -41.93
C GLU B 70 17.68 -13.33 -40.74
N PHE B 71 17.70 -12.75 -39.52
CA PHE B 71 17.24 -13.54 -38.36
C PHE B 71 15.76 -13.85 -38.19
N LEU B 72 14.88 -12.97 -38.66
CA LEU B 72 13.47 -13.25 -38.46
C LEU B 72 12.99 -14.53 -39.12
N PRO B 73 13.22 -14.66 -40.44
CA PRO B 73 12.76 -15.88 -41.09
C PRO B 73 13.43 -17.09 -40.48
N ARG B 74 14.68 -16.91 -40.06
CA ARG B 74 15.44 -18.00 -39.45
C ARG B 74 14.85 -18.42 -38.09
N ILE B 75 14.47 -17.44 -37.28
CA ILE B 75 13.83 -17.75 -35.98
C ILE B 75 12.51 -18.43 -36.23
N LYS B 76 11.73 -17.85 -37.15
CA LYS B 76 10.38 -18.34 -37.50
C LYS B 76 10.36 -19.81 -37.91
N SER B 77 11.32 -20.21 -38.73
CA SER B 77 11.45 -21.62 -39.15
C SER B 77 12.02 -22.54 -38.06
N ASN B 78 12.80 -21.97 -37.14
CA ASN B 78 13.39 -22.76 -36.05
C ASN B 78 12.61 -22.83 -34.74
N THR B 79 11.64 -21.95 -34.57
CA THR B 79 10.80 -21.98 -33.37
C THR B 79 9.46 -21.34 -33.66
N ASP B 80 8.42 -21.83 -32.99
CA ASP B 80 7.08 -21.25 -33.09
CA ASP B 80 7.10 -21.21 -33.13
C ASP B 80 6.89 -20.08 -32.11
N ALA B 81 7.96 -19.66 -31.42
CA ALA B 81 7.86 -18.59 -30.45
C ALA B 81 7.36 -17.34 -31.12
N VAL B 82 6.67 -16.50 -30.35
CA VAL B 82 6.08 -15.26 -30.85
C VAL B 82 7.15 -14.22 -31.00
N ILE B 83 7.27 -13.65 -32.20
CA ILE B 83 8.25 -12.63 -32.50
C ILE B 83 7.61 -11.28 -32.19
N ASN B 84 8.34 -10.47 -31.41
CA ASN B 84 7.89 -9.21 -30.89
C ASN B 84 8.94 -8.18 -31.20
N LEU B 85 8.61 -7.23 -32.07
CA LEU B 85 9.55 -6.25 -32.54
C LEU B 85 9.39 -4.95 -31.84
N THR B 86 10.52 -4.37 -31.49
CA THR B 86 10.57 -3.09 -30.86
C THR B 86 10.09 -1.96 -31.79
N THR B 87 9.33 -1.02 -31.22
CA THR B 87 8.99 0.19 -31.91
C THR B 87 9.78 1.28 -31.21
N GLY B 88 10.61 0.91 -30.24
CA GLY B 88 11.37 1.89 -29.48
C GLY B 88 12.79 2.04 -29.97
N GLY B 89 13.45 0.88 -30.12
CA GLY B 89 14.86 0.82 -30.53
C GLY B 89 15.69 1.55 -29.48
N SER B 90 16.53 2.47 -29.95
CA SER B 90 17.32 3.31 -29.07
C SER B 90 16.54 4.63 -28.82
N PRO B 91 16.58 5.15 -27.56
CA PRO B 91 16.00 6.49 -27.26
C PRO B 91 16.65 7.63 -28.07
N HIS B 92 17.87 7.41 -28.56
CA HIS B 92 18.57 8.40 -29.37
C HIS B 92 17.93 8.51 -30.77
N THR B 94 14.87 8.51 -33.81
CA THR B 94 13.71 9.40 -34.08
C THR B 94 12.51 8.60 -34.63
N VAL B 95 11.28 9.09 -34.40
CA VAL B 95 10.01 8.39 -34.79
C VAL B 95 9.79 8.22 -36.29
N GLU B 96 8.82 7.34 -36.64
CA GLU B 96 8.42 6.98 -38.04
C GLU B 96 9.47 6.04 -38.73
N GLU B 97 10.73 6.28 -38.37
CA GLU B 97 11.84 5.43 -38.69
C GLU B 97 11.65 4.21 -37.78
N ARG B 98 11.67 4.48 -36.46
CA ARG B 98 11.45 3.49 -35.38
C ARG B 98 10.35 2.48 -35.67
N LEU B 99 9.40 2.89 -36.49
CA LEU B 99 8.24 2.09 -36.79
C LEU B 99 8.36 1.23 -38.05
N ARG B 100 9.47 1.38 -38.79
CA ARG B 100 9.69 0.62 -40.04
C ARG B 100 9.71 -0.88 -39.90
N PRO B 101 10.50 -1.39 -38.92
CA PRO B 101 10.42 -2.83 -38.76
C PRO B 101 9.00 -3.30 -38.48
N ALA B 102 8.34 -2.67 -37.53
CA ALA B 102 6.98 -3.08 -37.21
C ALA B 102 6.04 -2.88 -38.40
N THR B 103 6.15 -1.74 -39.07
CA THR B 103 5.24 -1.47 -40.19
C THR B 103 5.56 -2.41 -41.34
N HIS B 104 6.84 -2.61 -41.63
CA HIS B 104 7.23 -3.54 -42.70
C HIS B 104 6.89 -4.98 -42.41
N TYR B 105 7.35 -5.50 -41.27
CA TYR B 105 7.19 -6.93 -40.98
C TYR B 105 5.84 -7.39 -40.46
N PRO B 107 4.45 -7.83 -37.46
CA PRO B 107 4.55 -8.89 -36.46
C PRO B 107 3.30 -9.05 -35.64
N GLU B 108 3.18 -10.20 -34.98
CA GLU B 108 2.03 -10.47 -34.13
C GLU B 108 2.03 -9.49 -32.98
N LEU B 109 3.25 -9.17 -32.54
CA LEU B 109 3.49 -8.27 -31.42
C LEU B 109 4.55 -7.27 -31.71
N ALA B 110 4.38 -6.09 -31.16
CA ALA B 110 5.36 -5.02 -31.17
C ALA B 110 5.32 -4.35 -29.81
N SER B 111 6.41 -3.73 -29.39
CA SER B 111 6.51 -3.07 -28.10
C SER B 111 6.12 -1.62 -28.20
N LEU B 112 5.41 -1.10 -27.20
CA LEU B 112 4.99 0.28 -27.24
C LEU B 112 5.23 0.91 -25.91
N ASN B 113 6.16 1.86 -25.89
CA ASN B 113 6.47 2.62 -24.70
C ASN B 113 5.35 3.63 -24.43
N GLY B 115 4.90 6.31 -22.59
CA GLY B 115 5.06 7.73 -22.30
C GLY B 115 6.46 8.30 -22.43
N SER B 116 6.56 9.58 -22.78
CA SER B 116 7.86 10.25 -22.91
C SER B 116 8.47 10.22 -21.54
N ASN B 118 12.72 10.49 -19.35
CA ASN B 118 14.15 10.47 -19.37
C ASN B 118 14.61 9.00 -19.24
N PHE B 119 15.79 8.68 -19.78
CA PHE B 119 16.42 7.36 -19.71
C PHE B 119 17.85 7.64 -19.24
N GLY B 120 18.11 7.44 -17.97
CA GLY B 120 19.42 7.76 -17.42
C GLY B 120 20.34 6.58 -17.48
N LEU B 121 21.09 6.45 -18.57
CA LEU B 121 22.04 5.34 -18.78
C LEU B 121 23.44 5.69 -18.37
N TYR B 122 23.72 6.97 -18.21
CA TYR B 122 25.05 7.45 -17.84
C TYR B 122 25.64 6.86 -16.55
N PRO B 123 24.81 6.52 -15.55
CA PRO B 123 25.47 5.92 -14.41
C PRO B 123 26.19 4.60 -14.70
N LEU B 125 28.47 4.18 -16.69
CA LEU B 125 29.88 4.58 -16.89
C LEU B 125 30.71 4.52 -15.61
N GLU B 126 30.07 4.29 -14.47
CA GLU B 126 30.79 4.16 -13.24
C GLU B 126 31.21 2.71 -13.08
N ARG B 127 30.51 1.77 -13.74
CA ARG B 127 30.93 0.37 -13.70
C ARG B 127 31.77 0.00 -14.92
N PHE B 128 31.45 0.58 -16.07
CA PHE B 128 32.14 0.27 -17.31
C PHE B 128 32.91 1.51 -17.72
N LYS B 129 34.23 1.37 -17.76
CA LYS B 129 35.08 2.51 -18.01
C LYS B 129 35.94 2.44 -19.26
N GLU B 130 35.85 1.34 -20.01
CA GLU B 130 36.64 1.15 -21.22
C GLU B 130 35.79 0.41 -22.22
N PHE B 131 35.78 0.90 -23.45
CA PHE B 131 34.94 0.37 -24.49
C PHE B 131 35.68 0.11 -25.81
N ALA B 132 35.39 -0.99 -26.47
CA ALA B 132 36.02 -1.28 -27.74
C ALA B 132 35.66 -0.24 -28.80
N HIS B 133 34.39 0.22 -28.81
CA HIS B 133 33.93 1.16 -29.83
C HIS B 133 33.53 2.47 -29.24
N GLY B 134 33.82 3.53 -29.99
CA GLY B 134 33.58 4.91 -29.56
C GLY B 134 32.12 5.24 -29.32
N TRP B 135 31.23 4.62 -30.08
CA TRP B 135 29.81 4.87 -29.95
C TRP B 135 29.29 4.49 -28.57
N GLU B 136 29.96 3.56 -27.90
CA GLU B 136 29.48 3.01 -26.63
C GLU B 136 29.44 4.02 -25.52
N ARG B 137 30.53 4.72 -25.31
CA ARG B 137 30.55 5.71 -24.26
C ARG B 137 29.59 6.86 -24.57
N GLU B 138 29.50 7.20 -25.85
CA GLU B 138 28.59 8.27 -26.27
C GLU B 138 27.13 7.94 -26.01
N HIS B 139 26.73 6.74 -26.42
CA HIS B 139 25.39 6.24 -26.19
C HIS B 139 25.01 6.46 -24.71
N LEU B 140 25.91 6.14 -23.79
CA LEU B 140 25.63 6.25 -22.35
C LEU B 140 25.69 7.71 -21.84
N GLU B 141 26.69 8.44 -22.27
CA GLU B 141 26.85 9.79 -21.78
C GLU B 141 25.75 10.75 -22.29
N ARG B 142 25.36 10.59 -23.55
CA ARG B 142 24.32 11.44 -24.12
C ARG B 142 22.91 11.13 -23.62
N SER B 143 22.74 9.98 -22.96
CA SER B 143 21.46 9.64 -22.35
C SER B 143 21.10 10.71 -21.35
N ARG B 144 22.10 11.42 -20.83
CA ARG B 144 21.89 12.46 -19.86
C ARG B 144 21.08 13.64 -20.38
N ASP B 145 21.22 14.00 -21.65
CA ASP B 145 20.37 15.11 -22.12
CA ASP B 145 20.50 15.13 -22.21
C ASP B 145 19.43 14.69 -23.24
N LEU B 146 19.00 13.44 -23.21
CA LEU B 146 18.01 13.00 -24.20
C LEU B 146 16.70 12.58 -23.55
N VAL B 147 15.61 12.80 -24.28
CA VAL B 147 14.28 12.41 -23.84
C VAL B 147 13.83 11.22 -24.70
N PHE B 148 13.33 10.14 -24.12
CA PHE B 148 12.75 9.11 -24.98
C PHE B 148 11.33 9.64 -25.24
N LYS B 149 11.07 10.05 -26.48
CA LYS B 149 9.80 10.65 -26.85
C LYS B 149 8.76 9.67 -27.34
N ASN B 150 7.60 9.67 -26.70
CA ASN B 150 6.45 8.86 -27.08
CA ASN B 150 6.45 8.92 -27.19
C ASN B 150 5.25 9.70 -26.66
N THR B 151 4.95 10.75 -27.42
CA THR B 151 3.86 11.66 -27.09
C THR B 151 2.53 11.00 -27.29
N PHE B 152 1.48 11.70 -26.85
CA PHE B 152 0.12 11.19 -27.04
C PHE B 152 -0.20 11.01 -28.52
N ALA B 153 0.37 11.90 -29.36
CA ALA B 153 0.22 11.82 -30.83
C ALA B 153 1.01 10.64 -31.40
N ASP B 154 2.25 10.46 -30.94
CA ASP B 154 3.10 9.31 -31.33
C ASP B 154 2.38 8.00 -31.02
N ILE B 155 1.90 7.87 -29.78
CA ILE B 155 1.24 6.64 -29.36
C ILE B 155 -0.03 6.34 -30.17
N GLU B 156 -0.83 7.36 -30.42
CA GLU B 156 -2.03 7.21 -31.22
C GLU B 156 -1.65 6.73 -32.62
N PHE B 157 -0.64 7.35 -33.18
CA PHE B 157 -0.16 6.98 -34.53
C PHE B 157 0.30 5.53 -34.56
N ILE B 158 1.11 5.11 -33.59
CA ILE B 158 1.54 3.70 -33.57
C ILE B 158 0.37 2.75 -33.44
N LEU B 159 -0.56 3.07 -32.53
CA LEU B 159 -1.73 2.21 -32.33
C LEU B 159 -2.55 2.03 -33.60
N LYS B 160 -2.76 3.12 -34.35
CA LYS B 160 -3.59 3.07 -35.57
C LYS B 160 -2.91 2.26 -36.67
N THR B 161 -1.68 2.66 -36.97
CA THR B 161 -0.85 2.05 -38.01
C THR B 161 -0.53 0.59 -37.80
N CYS B 162 0.08 0.27 -36.67
CA CYS B 162 0.44 -1.13 -36.41
C CYS B 162 -0.80 -1.95 -36.10
N GLY B 163 -1.75 -1.36 -35.40
CA GLY B 163 -3.00 -2.02 -35.09
C GLY B 163 -3.70 -2.39 -36.38
N GLY B 164 -3.61 -1.50 -37.36
CA GLY B 164 -4.16 -1.72 -38.70
C GLY B 164 -3.62 -2.95 -39.40
N ASN B 165 -2.40 -3.37 -39.02
CA ASN B 165 -1.76 -4.58 -39.57
C ASN B 165 -1.97 -5.85 -38.74
N GLY B 166 -2.91 -5.83 -37.79
CA GLY B 166 -3.19 -6.99 -36.92
C GLY B 166 -2.17 -7.20 -35.81
N THR B 167 -1.25 -6.25 -35.68
CA THR B 167 -0.21 -6.24 -34.67
C THR B 167 -0.78 -5.71 -33.36
N ARG B 168 -0.57 -6.50 -32.30
CA ARG B 168 -0.98 -6.14 -30.95
C ARG B 168 0.28 -5.76 -30.21
N PHE B 169 0.12 -5.13 -29.04
CA PHE B 169 1.27 -4.56 -28.36
C PHE B 169 1.63 -5.09 -27.01
N GLU B 170 2.92 -4.96 -26.71
CA GLU B 170 3.49 -5.19 -25.38
C GLU B 170 3.61 -3.75 -24.91
N PHE B 171 2.69 -3.32 -24.05
CA PHE B 171 2.68 -1.96 -23.53
C PHE B 171 3.67 -1.86 -22.41
N GLU B 172 4.75 -1.15 -22.68
CA GLU B 172 5.83 -0.94 -21.73
C GLU B 172 5.53 0.27 -20.90
N CYS B 173 5.21 0.00 -19.64
CA CYS B 173 4.83 1.03 -18.68
C CYS B 173 5.88 1.09 -17.62
N TYR B 174 6.56 2.21 -17.55
CA TYR B 174 7.68 2.43 -16.63
C TYR B 174 7.31 3.16 -15.35
N ASP B 175 6.05 3.58 -15.24
CA ASP B 175 5.55 4.22 -14.04
C ASP B 175 4.05 4.28 -14.06
N THR B 176 3.47 4.72 -12.95
CA THR B 176 2.02 4.84 -12.81
C THR B 176 1.41 5.65 -13.94
N SER B 177 2.05 6.76 -14.34
CA SER B 177 1.52 7.63 -15.45
C SER B 177 1.28 6.85 -16.77
N HIS B 178 2.10 5.83 -17.01
CA HIS B 178 2.01 5.02 -18.21
C HIS B 178 0.77 4.16 -18.20
N LEU B 179 0.37 3.64 -17.01
CA LEU B 179 -0.87 2.88 -16.90
C LEU B 179 -2.07 3.82 -17.15
N TYR B 180 -1.97 5.03 -16.61
CA TYR B 180 -3.02 6.01 -16.80
C TYR B 180 -3.06 6.48 -18.25
N ASN B 181 -1.91 6.52 -18.92
CA ASN B 181 -1.84 6.93 -20.33
C ASN B 181 -2.53 5.85 -21.11
N LEU B 182 -2.23 4.60 -20.76
CA LEU B 182 -2.87 3.46 -21.44
C LEU B 182 -4.41 3.49 -21.25
N ALA B 183 -4.83 3.70 -20.00
CA ALA B 183 -6.27 3.88 -19.69
C ALA B 183 -6.93 4.95 -20.61
N HIS B 184 -6.25 6.07 -20.81
CA HIS B 184 -6.74 7.11 -21.71
C HIS B 184 -7.04 6.58 -23.11
N PHE B 185 -6.12 5.78 -23.65
CA PHE B 185 -6.28 5.17 -24.99
C PHE B 185 -7.33 4.09 -25.04
N VAL B 186 -7.39 3.29 -23.98
CA VAL B 186 -8.40 2.28 -23.86
C VAL B 186 -9.80 2.89 -23.84
N ASP B 187 -9.97 3.99 -23.12
CA ASP B 187 -11.25 4.70 -23.06
C ASP B 187 -11.63 5.26 -24.42
N ARG B 188 -10.63 5.64 -25.20
CA ARG B 188 -10.85 6.15 -26.55
C ARG B 188 -11.03 5.03 -27.55
N LYS B 189 -11.04 3.79 -27.07
CA LYS B 189 -11.28 2.60 -27.90
C LYS B 189 -10.20 2.42 -28.97
N LEU B 190 -9.01 2.91 -28.69
CA LEU B 190 -7.90 2.86 -29.63
C LEU B 190 -7.04 1.63 -29.46
N ALA B 191 -7.28 0.88 -28.38
CA ALA B 191 -6.60 -0.38 -28.11
C ALA B 191 -7.69 -1.33 -27.67
N THR B 192 -7.62 -2.60 -28.08
CA THR B 192 -8.62 -3.57 -27.69
C THR B 192 -8.01 -4.67 -26.81
N PRO B 193 -8.81 -5.22 -25.89
CA PRO B 193 -8.32 -6.21 -24.94
C PRO B 193 -8.11 -7.61 -25.49
N PRO B 194 -7.28 -8.44 -24.83
CA PRO B 194 -6.54 -8.11 -23.59
C PRO B 194 -5.30 -7.28 -23.84
N PHE B 195 -4.99 -6.41 -22.89
CA PHE B 195 -3.85 -5.52 -22.99
C PHE B 195 -2.67 -6.21 -22.31
N PHE B 196 -1.59 -6.37 -23.04
CA PHE B 196 -0.38 -7.01 -22.51
C PHE B 196 0.41 -5.84 -21.91
N VAL B 197 0.37 -5.72 -20.58
CA VAL B 197 1.06 -4.62 -19.82
C VAL B 197 2.34 -5.15 -19.15
N GLN B 198 3.46 -4.68 -19.67
CA GLN B 198 4.78 -5.04 -19.18
C GLN B 198 5.18 -3.93 -18.25
N THR B 199 5.17 -4.16 -16.96
CA THR B 199 5.56 -3.10 -16.01
C THR B 199 7.05 -3.20 -15.76
N VAL B 200 7.73 -2.08 -16.05
CA VAL B 200 9.18 -2.00 -16.03
C VAL B 200 9.71 -1.31 -14.82
N PHE B 201 10.56 -2.01 -14.05
CA PHE B 201 11.11 -1.49 -12.79
C PHE B 201 12.61 -1.32 -12.76
N GLY B 202 13.10 -0.26 -12.14
CA GLY B 202 14.51 -0.17 -11.91
C GLY B 202 15.36 0.70 -12.82
N LEU B 203 14.77 1.34 -13.80
CA LEU B 203 15.51 2.21 -14.71
CA LEU B 203 15.51 2.21 -14.71
C LEU B 203 15.48 3.65 -14.21
N LEU B 204 16.62 4.31 -14.22
CA LEU B 204 16.69 5.71 -13.80
C LEU B 204 15.93 6.52 -14.82
N GLY B 205 14.92 7.25 -14.37
CA GLY B 205 13.99 7.92 -15.25
C GLY B 205 12.64 7.22 -15.17
N GLY B 206 12.59 6.00 -14.64
CA GLY B 206 11.34 5.28 -14.45
C GLY B 206 11.12 4.98 -12.97
N ILE B 207 10.12 4.15 -12.69
CA ILE B 207 9.87 3.75 -11.28
C ILE B 207 11.02 2.85 -10.79
N GLY B 208 11.30 2.89 -9.49
CA GLY B 208 12.28 2.04 -8.89
C GLY B 208 11.90 0.57 -8.77
N PRO B 209 12.77 -0.21 -8.12
CA PRO B 209 12.61 -1.63 -8.01
C PRO B 209 12.10 -2.15 -6.66
N HIS B 210 11.44 -1.28 -5.89
CA HIS B 210 11.04 -1.71 -4.57
C HIS B 210 9.81 -2.60 -4.63
N PRO B 211 9.71 -3.60 -3.75
CA PRO B 211 8.42 -4.36 -3.69
C PRO B 211 7.16 -3.47 -3.65
N GLU B 212 7.21 -2.33 -2.96
CA GLU B 212 6.09 -1.40 -2.92
C GLU B 212 5.77 -0.81 -4.30
N ASP B 213 6.79 -0.66 -5.16
CA ASP B 213 6.61 -0.13 -6.48
C ASP B 213 5.83 -1.15 -7.30
N LEU B 214 6.24 -2.40 -7.15
CA LEU B 214 5.53 -3.49 -7.86
C LEU B 214 4.10 -3.58 -7.41
N ALA B 215 3.87 -3.62 -6.12
CA ALA B 215 2.47 -3.72 -5.63
C ALA B 215 1.63 -2.55 -6.07
N HIS B 216 2.24 -1.38 -6.18
CA HIS B 216 1.43 -0.26 -6.63
CA HIS B 216 1.55 -0.20 -6.69
C HIS B 216 1.08 -0.34 -8.13
N ARG B 218 0.62 -3.03 -9.76
CA ARG B 218 -0.44 -4.03 -9.87
C ARG B 218 -1.79 -3.47 -9.43
N ARG B 219 -1.83 -2.77 -8.29
CA ARG B 219 -3.13 -2.32 -7.78
C ARG B 219 -3.71 -1.28 -8.73
N THR B 220 -2.83 -0.44 -9.30
CA THR B 220 -3.26 0.54 -10.31
C THR B 220 -3.86 -0.15 -11.52
N ALA B 221 -3.10 -1.07 -12.10
CA ALA B 221 -3.55 -1.79 -13.29
C ALA B 221 -4.83 -2.51 -13.01
N ASP B 222 -4.95 -3.15 -11.84
CA ASP B 222 -6.18 -3.87 -11.52
C ASP B 222 -7.36 -2.90 -11.51
N ARG B 223 -7.15 -1.74 -10.92
CA ARG B 223 -8.22 -0.75 -10.84
C ARG B 223 -8.58 -0.20 -12.21
N LEU B 224 -7.61 0.03 -13.07
CA LEU B 224 -7.87 0.66 -14.34
C LEU B 224 -8.39 -0.31 -15.41
N PHE B 225 -7.87 -1.54 -15.44
CA PHE B 225 -8.21 -2.52 -16.49
C PHE B 225 -8.94 -3.73 -16.05
N GLY B 226 -8.99 -4.01 -14.76
CA GLY B 226 -9.73 -5.18 -14.28
C GLY B 226 -9.24 -6.48 -14.87
N ALA B 227 -10.16 -7.26 -15.44
CA ALA B 227 -9.83 -8.56 -16.02
C ALA B 227 -9.29 -8.42 -17.45
N ASP B 228 -9.29 -7.20 -18.01
CA ASP B 228 -8.89 -6.96 -19.40
C ASP B 228 -7.43 -6.80 -19.70
N TYR B 229 -6.57 -7.00 -18.71
CA TYR B 229 -5.17 -6.95 -18.99
C TYR B 229 -4.45 -8.23 -18.55
N VAL B 230 -3.31 -8.45 -19.17
CA VAL B 230 -2.43 -9.56 -18.91
C VAL B 230 -1.15 -8.91 -18.44
N TRP B 231 -0.72 -9.26 -17.26
CA TRP B 231 0.42 -8.58 -16.60
C TRP B 231 1.76 -9.30 -16.77
N SER B 232 2.84 -8.54 -17.02
CA SER B 232 4.17 -9.08 -17.11
C SER B 232 5.09 -8.14 -16.36
N ILE B 233 6.11 -8.71 -15.73
CA ILE B 233 7.05 -7.95 -14.93
C ILE B 233 8.43 -7.93 -15.58
N LEU B 234 9.06 -6.75 -15.61
CA LEU B 234 10.38 -6.60 -16.11
C LEU B 234 11.17 -5.83 -15.05
N GLY B 235 12.05 -6.53 -14.38
CA GLY B 235 12.97 -5.93 -13.41
C GLY B 235 14.33 -5.79 -14.04
N ALA B 236 14.85 -4.58 -14.03
CA ALA B 236 16.13 -4.28 -14.66
C ALA B 236 17.28 -4.77 -13.81
N GLY B 237 18.32 -5.25 -14.48
CA GLY B 237 19.55 -5.67 -13.81
C GLY B 237 19.34 -6.72 -12.73
N ARG B 238 19.94 -6.49 -11.59
CA ARG B 238 19.85 -7.45 -10.50
C ARG B 238 18.44 -7.76 -9.99
N HIS B 239 17.48 -6.88 -10.30
CA HIS B 239 16.13 -7.02 -9.82
C HIS B 239 15.31 -7.91 -10.72
N GLN B 240 15.90 -8.34 -11.83
CA GLN B 240 15.22 -9.18 -12.78
C GLN B 240 14.49 -10.37 -12.23
N ILE B 241 15.21 -11.27 -11.58
CA ILE B 241 14.58 -12.51 -11.08
C ILE B 241 13.74 -12.27 -9.82
N PRO B 242 14.21 -11.47 -8.88
CA PRO B 242 13.35 -11.26 -7.71
C PRO B 242 12.02 -10.60 -8.03
N LEU B 243 11.97 -9.60 -8.90
CA LEU B 243 10.70 -8.91 -9.15
C LEU B 243 9.82 -9.84 -9.98
N ALA B 244 10.44 -10.52 -10.93
CA ALA B 244 9.69 -11.55 -11.74
C ALA B 244 9.07 -12.63 -10.86
N SER B 245 9.84 -13.08 -9.88
CA SER B 245 9.39 -14.08 -8.92
C SER B 245 8.21 -13.57 -8.10
N ILE B 246 8.31 -12.36 -7.57
CA ILE B 246 7.20 -11.81 -6.82
C ILE B 246 5.94 -11.75 -7.66
N GLY B 247 6.06 -11.41 -8.94
CA GLY B 247 4.93 -11.33 -9.77
C GLY B 247 4.43 -12.70 -10.13
N ALA B 248 5.36 -13.62 -10.38
CA ALA B 248 4.97 -14.97 -10.76
C ALA B 248 4.15 -15.62 -9.65
N ALA B 249 4.57 -15.34 -8.42
CA ALA B 249 3.94 -15.92 -7.26
C ALA B 249 2.50 -15.44 -7.06
N GLN B 250 2.09 -14.38 -7.75
CA GLN B 250 0.75 -13.85 -7.62
C GLN B 250 0.03 -13.76 -8.93
N GLY B 251 0.39 -14.61 -9.89
CA GLY B 251 -0.30 -14.72 -11.18
C GLY B 251 0.22 -13.92 -12.37
N ALA B 252 1.33 -13.22 -12.21
CA ALA B 252 1.85 -12.47 -13.32
C ALA B 252 2.72 -13.35 -14.22
N ASN B 253 3.00 -12.79 -15.39
CA ASN B 253 3.90 -13.34 -16.36
C ASN B 253 5.25 -12.65 -16.16
N VAL B 254 6.29 -13.16 -16.82
CA VAL B 254 7.62 -12.67 -16.54
C VAL B 254 8.43 -12.36 -17.77
N ARG B 255 9.30 -11.39 -17.66
CA ARG B 255 10.20 -11.05 -18.76
C ARG B 255 11.65 -11.13 -18.28
N VAL B 256 12.47 -11.85 -19.04
CA VAL B 256 13.91 -11.91 -18.73
C VAL B 256 14.67 -11.53 -20.02
N GLY B 257 16.00 -11.62 -19.99
CA GLY B 257 16.83 -11.32 -21.15
C GLY B 257 18.01 -10.42 -20.93
N LEU B 258 19.03 -10.57 -21.78
CA LEU B 258 20.25 -9.77 -21.72
C LEU B 258 20.01 -8.32 -22.11
N GLU B 259 18.88 -8.05 -22.75
CA GLU B 259 18.45 -6.68 -22.97
C GLU B 259 18.27 -5.95 -21.64
N ASP B 260 17.70 -6.67 -20.67
CA ASP B 260 17.32 -6.10 -19.37
C ASP B 260 18.34 -6.31 -18.22
N SER B 261 19.03 -7.44 -18.24
CA SER B 261 20.07 -7.72 -17.28
C SER B 261 21.16 -8.56 -17.92
N LEU B 262 22.39 -8.21 -17.62
CA LEU B 262 23.55 -8.93 -18.13
C LEU B 262 24.01 -10.03 -17.19
N TRP B 263 23.32 -10.17 -16.05
CA TRP B 263 23.73 -11.07 -14.96
C TRP B 263 22.91 -12.31 -14.78
N ILE B 264 23.55 -13.33 -14.23
CA ILE B 264 22.89 -14.58 -13.91
C ILE B 264 22.93 -14.77 -12.39
N ALA B 265 23.88 -14.11 -11.75
CA ALA B 265 23.99 -14.16 -10.30
C ALA B 265 24.83 -12.96 -9.90
N PRO B 266 24.89 -12.63 -8.61
CA PRO B 266 25.71 -11.49 -8.20
C PRO B 266 27.14 -11.61 -8.73
N GLY B 267 27.58 -10.58 -9.46
CA GLY B 267 28.91 -10.53 -10.07
C GLY B 267 29.23 -11.58 -11.14
N GLU B 268 28.21 -12.24 -11.68
CA GLU B 268 28.38 -13.28 -12.69
C GLU B 268 27.56 -12.96 -13.94
N LEU B 269 28.25 -12.79 -15.06
CA LEU B 269 27.59 -12.49 -16.29
C LEU B 269 26.81 -13.68 -16.78
N ALA B 270 25.60 -13.44 -17.27
CA ALA B 270 24.80 -14.50 -17.87
C ALA B 270 25.47 -14.81 -19.20
N GLU B 271 25.66 -16.09 -19.50
CA GLU B 271 26.29 -16.51 -20.77
C GLU B 271 25.30 -16.57 -21.94
N THR B 272 24.05 -16.84 -21.62
CA THR B 272 23.01 -16.89 -22.63
C THR B 272 21.67 -16.43 -22.06
N ASN B 273 20.80 -15.97 -22.95
CA ASN B 273 19.44 -15.64 -22.59
C ASN B 273 18.77 -16.85 -21.99
N ALA B 274 18.98 -18.01 -22.61
CA ALA B 274 18.46 -19.24 -22.10
C ALA B 274 18.76 -19.47 -20.60
N ALA B 275 19.92 -19.02 -20.12
CA ALA B 275 20.33 -19.21 -18.72
C ALA B 275 19.32 -18.53 -17.79
N GLN B 276 19.02 -17.28 -18.12
CA GLN B 276 18.03 -16.46 -17.39
C GLN B 276 16.62 -17.10 -17.46
N VAL B 277 16.25 -17.57 -18.64
CA VAL B 277 14.99 -18.27 -18.80
C VAL B 277 14.99 -19.43 -17.85
N ARG B 278 16.11 -20.17 -17.77
CA ARG B 278 16.18 -21.33 -16.86
C ARG B 278 15.95 -21.00 -15.42
N LYS B 279 16.59 -19.93 -15.00
CA LYS B 279 16.55 -19.48 -13.62
C LYS B 279 15.10 -19.11 -13.26
N ILE B 280 14.43 -18.29 -14.07
CA ILE B 280 13.04 -17.94 -13.72
C ILE B 280 12.17 -19.20 -13.79
N ARG B 281 12.55 -20.14 -14.63
CA ARG B 281 11.81 -21.40 -14.67
C ARG B 281 11.96 -22.22 -13.39
N GLN B 282 13.10 -22.13 -12.69
CA GLN B 282 13.23 -22.82 -11.41
C GLN B 282 12.22 -22.23 -10.41
N VAL B 283 12.04 -20.93 -10.42
CA VAL B 283 11.03 -20.30 -9.53
C VAL B 283 9.61 -20.73 -9.93
N ILE B 284 9.32 -20.66 -11.21
CA ILE B 284 7.98 -21.04 -11.74
C ILE B 284 7.64 -22.47 -11.35
N GLU B 285 8.64 -23.36 -11.45
CA GLU B 285 8.46 -24.79 -11.11
C GLU B 285 8.25 -24.97 -9.61
N GLY B 286 9.07 -24.29 -8.79
CA GLY B 286 8.91 -24.36 -7.35
C GLY B 286 7.52 -23.90 -6.87
N LEU B 287 6.92 -22.99 -7.62
CA LEU B 287 5.58 -22.46 -7.37
C LEU B 287 4.52 -23.39 -7.93
N SER B 288 4.94 -24.52 -8.48
CA SER B 288 4.00 -25.49 -9.10
C SER B 288 3.19 -24.90 -10.26
N LEU B 289 3.80 -23.99 -11.00
CA LEU B 289 3.19 -23.37 -12.14
C LEU B 289 3.86 -23.97 -13.38
N GLU B 290 3.19 -23.80 -14.51
CA GLU B 290 3.67 -24.25 -15.78
C GLU B 290 3.94 -23.10 -16.68
N VAL B 291 4.99 -23.21 -17.47
CA VAL B 291 5.34 -22.24 -18.48
C VAL B 291 4.41 -22.36 -19.69
N ALA B 292 3.97 -21.24 -20.23
CA ALA B 292 3.12 -21.20 -21.41
C ALA B 292 3.92 -21.47 -22.72
N SER B 293 3.29 -22.24 -23.61
CA SER B 293 3.82 -22.48 -24.95
C SER B 293 3.51 -21.28 -25.82
N PRO B 294 4.21 -21.14 -26.96
CA PRO B 294 3.84 -20.07 -27.87
C PRO B 294 2.35 -20.08 -28.25
N ALA B 295 1.78 -21.26 -28.46
CA ALA B 295 0.36 -21.38 -28.79
C ALA B 295 -0.48 -20.83 -27.65
N GLU B 296 -0.12 -21.18 -26.41
CA GLU B 296 -0.82 -20.70 -25.23
C GLU B 296 -0.73 -19.19 -25.11
N ALA B 297 0.46 -18.64 -25.34
CA ALA B 297 0.66 -17.21 -25.28
C ALA B 297 -0.16 -16.49 -26.34
N ARG B 298 -0.22 -17.09 -27.53
CA ARG B 298 -1.00 -16.48 -28.60
C ARG B 298 -2.45 -16.36 -28.18
N THR B 299 -2.99 -17.43 -27.63
CA THR B 299 -4.37 -17.43 -27.15
C THR B 299 -4.60 -16.41 -26.03
N LEU B 301 -2.94 -13.75 -25.30
CA LEU B 301 -2.74 -12.40 -25.74
C LEU B 301 -3.57 -11.97 -26.95
N GLY B 302 -4.35 -12.90 -27.52
CA GLY B 302 -5.22 -12.60 -28.69
C GLY B 302 -4.48 -12.25 -29.95
N LEU B 303 -3.36 -12.95 -30.22
CA LEU B 303 -2.48 -12.65 -31.36
C LEU B 303 -2.93 -13.27 -32.70
N LYS B 304 -2.47 -12.70 -33.81
CA LYS B 304 -2.93 -13.11 -35.16
C LYS B 304 -2.41 -14.45 -35.71
N GLY B 305 -1.35 -15.01 -35.13
CA GLY B 305 -0.82 -16.27 -35.64
C GLY B 305 0.41 -16.00 -36.49
N PRO B 306 1.34 -16.97 -36.54
CA PRO B 306 2.63 -16.84 -37.25
C PRO B 306 2.53 -16.80 -38.77
N GLN B 307 1.44 -17.36 -39.32
CA GLN B 307 1.22 -17.34 -40.77
C GLN B 307 0.74 -15.98 -41.25
N ASN B 308 0.70 -14.98 -40.37
CA ASN B 308 0.16 -13.66 -40.76
C ASN B 308 1.10 -12.50 -40.53
N VAL B 309 2.39 -12.72 -40.72
CA VAL B 309 3.42 -11.70 -40.56
C VAL B 309 4.14 -11.54 -41.90
N ASN B 310 4.79 -10.41 -42.13
CA ASN B 310 5.46 -10.19 -43.40
C ASN B 310 6.92 -10.74 -43.40
N PHE B 311 7.07 -12.05 -43.17
CA PHE B 311 8.38 -12.75 -43.15
C PHE B 311 8.23 -14.26 -42.91
N SER C 5 23.34 -10.23 6.49
CA SER C 5 23.25 -11.63 5.96
C SER C 5 22.16 -11.80 4.87
N ARG C 6 22.59 -12.32 3.72
CA ARG C 6 21.72 -12.57 2.57
C ARG C 6 21.24 -14.04 2.57
N LYS C 7 21.52 -14.76 3.65
CA LYS C 7 21.14 -16.17 3.75
C LYS C 7 19.69 -16.29 4.20
N VAL C 8 18.98 -17.29 3.68
CA VAL C 8 17.60 -17.50 4.03
C VAL C 8 17.47 -18.52 5.14
N ILE C 9 16.81 -18.13 6.22
CA ILE C 9 16.50 -19.09 7.26
C ILE C 9 15.20 -19.84 6.88
N ILE C 10 15.32 -21.15 6.77
CA ILE C 10 14.17 -22.02 6.56
C ILE C 10 13.75 -22.62 7.91
N THR C 11 12.53 -22.31 8.34
CA THR C 11 11.93 -22.89 9.52
C THR C 11 10.98 -23.97 8.94
N CYS C 12 10.96 -25.12 9.57
CA CYS C 12 10.03 -26.19 9.18
C CYS C 12 9.21 -26.59 10.43
N ALA C 13 7.90 -26.34 10.37
CA ALA C 13 6.96 -26.67 11.45
C ALA C 13 6.41 -28.06 11.10
N VAL C 14 6.93 -29.07 11.80
CA VAL C 14 6.64 -30.50 11.40
C VAL C 14 5.27 -31.13 11.61
N THR C 15 4.50 -30.71 12.60
CA THR C 15 3.19 -31.34 12.83
C THR C 15 2.11 -30.44 13.39
N GLY C 16 2.47 -29.59 14.34
CA GLY C 16 1.50 -28.65 14.83
C GLY C 16 0.39 -29.23 15.67
N ALA C 17 -0.72 -28.49 15.70
CA ALA C 17 -1.89 -28.86 16.48
C ALA C 17 -3.18 -28.59 15.72
N ILE C 18 -3.10 -28.06 14.50
CA ILE C 18 -4.29 -27.67 13.74
C ILE C 18 -4.82 -28.87 12.95
N HIS C 19 -3.98 -29.41 12.07
CA HIS C 19 -4.37 -30.59 11.26
C HIS C 19 -4.57 -31.79 12.14
N THR C 20 -5.37 -32.76 11.66
CA THR C 20 -5.60 -33.95 12.45
C THR C 20 -5.14 -35.17 11.58
N PRO C 21 -4.76 -36.26 12.25
CA PRO C 21 -4.16 -37.39 11.55
C PRO C 21 -5.03 -37.97 10.43
N SER C 22 -6.35 -37.93 10.57
CA SER C 22 -7.21 -38.43 9.48
C SER C 22 -7.15 -37.64 8.17
N SER C 24 -4.33 -36.67 6.73
CA SER C 24 -3.17 -37.13 5.92
C SER C 24 -2.41 -38.21 6.61
N PRO C 25 -2.11 -39.30 5.90
CA PRO C 25 -1.31 -40.29 6.62
C PRO C 25 0.14 -39.86 6.84
N TYR C 26 0.54 -38.70 6.30
CA TYR C 26 1.91 -38.22 6.41
C TYR C 26 2.15 -37.26 7.56
N LEU C 27 1.07 -36.87 8.24
CA LEU C 27 1.18 -35.99 9.38
C LEU C 27 1.90 -36.75 10.46
N PRO C 28 3.07 -36.25 10.93
CA PRO C 28 3.74 -37.00 12.00
C PRO C 28 2.97 -36.99 13.30
N VAL C 29 2.94 -38.13 13.99
CA VAL C 29 2.20 -38.29 15.21
C VAL C 29 3.06 -38.83 16.36
N THR C 30 3.68 -39.99 16.15
CA THR C 30 4.48 -40.62 17.20
C THR C 30 5.81 -39.95 17.34
N PRO C 31 6.46 -40.12 18.51
CA PRO C 31 7.81 -39.54 18.71
C PRO C 31 8.83 -39.88 17.64
N ASP C 32 8.82 -41.14 17.14
CA ASP C 32 9.75 -41.46 16.10
C ASP C 32 9.43 -40.68 14.81
N GLU C 33 8.16 -40.50 14.48
CA GLU C 33 7.77 -39.83 13.25
C GLU C 33 8.19 -38.37 13.35
N VAL C 34 7.91 -37.79 14.50
CA VAL C 34 8.27 -36.37 14.76
C VAL C 34 9.81 -36.18 14.64
N ALA C 35 10.57 -37.08 15.25
CA ALA C 35 12.03 -37.05 15.13
C ALA C 35 12.47 -37.27 13.72
N GLN C 36 11.92 -38.28 13.02
CA GLN C 36 12.38 -38.46 11.65
C GLN C 36 12.03 -37.28 10.78
N ALA C 37 10.86 -36.71 11.02
CA ALA C 37 10.35 -35.58 10.24
C ALA C 37 11.30 -34.38 10.41
N SER C 38 11.69 -34.16 11.64
CA SER C 38 12.57 -33.05 11.98
C SER C 38 13.97 -33.24 11.39
N ILE C 39 14.52 -34.43 11.55
CA ILE C 39 15.84 -34.74 11.02
C ILE C 39 15.88 -34.61 9.54
N GLY C 40 14.85 -35.12 8.86
CA GLY C 40 14.83 -35.04 7.42
C GLY C 40 14.68 -33.61 6.93
N ALA C 41 13.88 -32.79 7.61
CA ALA C 41 13.68 -31.40 7.20
C ALA C 41 14.97 -30.62 7.42
N ALA C 42 15.65 -30.91 8.53
CA ALA C 42 16.94 -30.22 8.81
C ALA C 42 17.98 -30.58 7.74
N GLU C 43 18.00 -31.84 7.31
CA GLU C 43 18.96 -32.29 6.31
C GLU C 43 18.61 -31.74 4.94
N ALA C 44 17.34 -31.41 4.73
CA ALA C 44 16.90 -30.79 3.48
C ALA C 44 17.26 -29.30 3.47
N GLY C 45 17.57 -28.76 4.63
CA GLY C 45 17.94 -27.36 4.70
C GLY C 45 17.28 -26.50 5.75
N ALA C 46 16.36 -27.06 6.54
CA ALA C 46 15.71 -26.27 7.62
C ALA C 46 16.68 -26.02 8.81
N ALA C 47 16.99 -24.75 9.06
CA ALA C 47 17.88 -24.36 10.18
C ALA C 47 17.12 -24.37 11.51
N VAL C 48 15.80 -24.19 11.47
CA VAL C 48 14.92 -24.15 12.66
C VAL C 48 13.80 -25.17 12.49
N ILE C 49 13.57 -25.96 13.54
CA ILE C 49 12.49 -26.96 13.58
C ILE C 49 11.51 -26.55 14.67
N HIS C 50 10.31 -26.21 14.24
CA HIS C 50 9.21 -25.78 15.11
C HIS C 50 8.40 -27.01 15.46
N LEU C 51 8.35 -27.29 16.76
CA LEU C 51 7.79 -28.50 17.29
C LEU C 51 6.59 -28.45 18.23
N HIS C 52 5.62 -29.33 17.96
CA HIS C 52 4.56 -29.66 18.87
C HIS C 52 4.71 -31.17 19.08
N ALA C 53 4.13 -31.66 20.18
CA ALA C 53 4.02 -33.08 20.49
C ALA C 53 2.54 -33.52 20.32
N ARG C 54 2.36 -34.79 19.98
CA ARG C 54 1.04 -35.40 19.86
C ARG C 54 1.02 -36.69 20.68
N ASP C 55 -0.16 -37.05 21.12
CA ASP C 55 -0.35 -38.29 21.84
C ASP C 55 -0.14 -39.41 20.79
N PRO C 56 0.77 -40.36 21.04
CA PRO C 56 1.06 -41.39 20.05
C PRO C 56 -0.07 -42.36 19.76
N ARG C 57 -1.04 -42.46 20.67
CA ARG C 57 -2.17 -43.35 20.48
C ARG C 57 -3.20 -42.88 19.50
N ASP C 58 -3.58 -41.62 19.56
CA ASP C 58 -4.63 -41.09 18.68
C ASP C 58 -4.28 -39.80 17.95
N GLY C 59 -3.10 -39.24 18.21
CA GLY C 59 -2.62 -38.06 17.51
C GLY C 59 -3.10 -36.74 18.06
N ARG C 60 -3.81 -36.74 19.20
CA ARG C 60 -4.33 -35.45 19.71
C ARG C 60 -3.18 -34.63 20.28
N PRO C 61 -3.28 -33.30 20.15
CA PRO C 61 -2.27 -32.44 20.73
C PRO C 61 -2.04 -32.64 22.21
N THR C 62 -0.80 -32.49 22.63
CA THR C 62 -0.48 -32.56 24.03
C THR C 62 0.70 -31.68 24.34
N GLN C 63 0.56 -30.89 25.40
CA GLN C 63 1.65 -30.02 25.90
C GLN C 63 2.33 -30.57 27.15
N ASP C 64 2.14 -31.85 27.41
CA ASP C 64 2.81 -32.51 28.51
C ASP C 64 4.28 -32.62 28.16
N PRO C 65 5.16 -32.09 29.02
CA PRO C 65 6.55 -32.20 28.66
C PRO C 65 7.05 -33.64 28.42
N ALA C 66 6.45 -34.60 29.10
CA ALA C 66 6.77 -36.04 28.88
C ALA C 66 6.61 -36.47 27.41
N ALA C 67 5.67 -35.82 26.71
CA ALA C 67 5.42 -36.12 25.29
C ALA C 67 6.55 -35.71 24.34
N PHE C 68 7.44 -34.82 24.82
CA PHE C 68 8.59 -34.37 24.04
C PHE C 68 9.88 -35.11 24.41
N ALA C 69 9.86 -35.78 25.54
CA ALA C 69 11.04 -36.39 26.17
C ALA C 69 11.87 -37.31 25.33
N GLU C 70 11.28 -38.05 24.40
CA GLU C 70 12.04 -38.94 23.52
C GLU C 70 12.52 -38.27 22.26
N PHE C 71 11.60 -37.60 21.54
CA PHE C 71 12.02 -36.99 20.30
C PHE C 71 13.01 -35.85 20.48
N LEU C 72 12.94 -35.13 21.58
CA LEU C 72 13.87 -33.99 21.72
C LEU C 72 15.35 -34.42 21.63
N PRO C 73 15.81 -35.27 22.55
CA PRO C 73 17.20 -35.73 22.49
C PRO C 73 17.58 -36.43 21.20
N ARG C 74 16.62 -37.13 20.58
CA ARG C 74 16.92 -37.81 19.34
C ARG C 74 17.22 -36.85 18.21
N ILE C 75 16.48 -35.74 18.16
CA ILE C 75 16.70 -34.73 17.15
C ILE C 75 18.08 -34.09 17.40
N LYS C 76 18.29 -33.74 18.66
CA LYS C 76 19.53 -33.03 19.09
C LYS C 76 20.83 -33.82 18.76
N SER C 77 20.75 -35.14 18.83
CA SER C 77 21.88 -36.02 18.54
CA SER C 77 21.86 -36.03 18.54
C SER C 77 22.11 -36.23 17.05
N ASN C 78 21.10 -35.95 16.23
CA ASN C 78 21.22 -36.17 14.82
C ASN C 78 21.31 -34.95 13.92
N THR C 79 21.12 -33.76 14.50
CA THR C 79 21.18 -32.51 13.77
C THR C 79 21.50 -31.34 14.71
N ASP C 80 22.14 -30.33 14.15
CA ASP C 80 22.42 -29.10 14.91
C ASP C 80 21.36 -28.04 14.70
N ALA C 81 20.27 -28.41 14.06
CA ALA C 81 19.17 -27.51 13.78
C ALA C 81 18.61 -26.97 15.09
N VAL C 82 18.12 -25.75 15.04
CA VAL C 82 17.59 -25.15 16.23
C VAL C 82 16.19 -25.71 16.54
N ILE C 83 16.03 -26.21 17.75
CA ILE C 83 14.75 -26.70 18.25
C ILE C 83 13.91 -25.53 18.79
N ASN C 84 12.70 -25.41 18.29
CA ASN C 84 11.78 -24.31 18.62
C ASN C 84 10.51 -24.93 19.17
N LEU C 85 10.25 -24.73 20.45
CA LEU C 85 9.05 -25.30 21.07
C LEU C 85 7.90 -24.33 21.14
N THR C 86 6.74 -24.87 20.88
CA THR C 86 5.52 -24.12 20.94
C THR C 86 5.08 -23.81 22.33
N THR C 87 4.51 -22.60 22.54
CA THR C 87 3.92 -22.20 23.83
C THR C 87 2.41 -22.09 23.66
N GLY C 88 1.91 -22.49 22.52
CA GLY C 88 0.50 -22.44 22.30
C GLY C 88 0.10 -23.86 22.55
N GLY C 89 0.39 -24.66 21.52
CA GLY C 89 0.00 -26.05 21.45
C GLY C 89 -1.39 -25.92 20.85
N SER C 90 -2.38 -26.48 21.53
CA SER C 90 -3.78 -26.33 21.10
C SER C 90 -4.50 -25.16 21.86
N PRO C 91 -5.24 -24.31 21.08
CA PRO C 91 -6.10 -23.21 21.64
C PRO C 91 -7.20 -23.74 22.59
N HIS C 92 -7.43 -25.04 22.53
CA HIS C 92 -8.35 -25.71 23.43
C HIS C 92 -7.73 -25.67 24.86
N THR C 94 -5.20 -24.42 28.22
CA THR C 94 -5.01 -23.21 29.09
C THR C 94 -3.57 -22.70 29.20
N VAL C 95 -3.30 -21.55 29.86
CA VAL C 95 -1.89 -20.92 29.95
C VAL C 95 -0.99 -21.60 30.98
N GLU C 96 0.21 -21.04 31.28
CA GLU C 96 1.22 -21.55 32.31
C GLU C 96 1.48 -23.10 32.35
N GLU C 97 0.40 -23.82 32.05
CA GLU C 97 0.40 -25.20 31.69
C GLU C 97 0.94 -25.26 30.28
N ARG C 98 0.51 -24.31 29.43
CA ARG C 98 0.99 -24.21 28.04
C ARG C 98 2.49 -24.00 27.98
N LEU C 99 3.03 -23.37 29.02
CA LEU C 99 4.42 -23.08 29.13
C LEU C 99 5.29 -24.18 29.68
N ARG C 100 4.71 -25.30 30.07
CA ARG C 100 5.51 -26.35 30.70
C ARG C 100 6.66 -26.86 29.85
N PRO C 101 6.38 -27.24 28.59
CA PRO C 101 7.53 -27.64 27.79
C PRO C 101 8.67 -26.61 27.67
N ALA C 102 8.34 -25.35 27.40
CA ALA C 102 9.36 -24.30 27.24
C ALA C 102 10.07 -23.99 28.55
N THR C 103 9.36 -23.98 29.67
CA THR C 103 10.03 -23.70 30.96
C THR C 103 10.87 -24.88 31.40
N HIS C 104 10.42 -26.09 31.11
CA HIS C 104 11.20 -27.26 31.50
C HIS C 104 12.44 -27.47 30.64
N TYR C 105 12.21 -27.53 29.33
CA TYR C 105 13.29 -27.77 28.37
C TYR C 105 14.25 -26.62 28.08
N PRO C 107 14.40 -24.23 25.77
CA PRO C 107 14.93 -24.26 24.44
C PRO C 107 15.50 -22.97 23.93
N GLU C 108 16.22 -23.06 22.83
CA GLU C 108 16.78 -21.87 22.19
C GLU C 108 15.72 -20.90 21.70
N LEU C 109 14.66 -21.49 21.14
CA LEU C 109 13.50 -20.77 20.64
C LEU C 109 12.20 -21.35 21.12
N ALA C 110 11.25 -20.45 21.38
CA ALA C 110 9.88 -20.83 21.69
C ALA C 110 8.98 -19.91 20.88
N SER C 111 7.85 -20.42 20.45
CA SER C 111 6.95 -19.57 19.68
C SER C 111 6.08 -18.82 20.65
N LEU C 112 5.62 -17.65 20.23
CA LEU C 112 4.78 -16.76 21.06
C LEU C 112 3.75 -16.08 20.17
N ASN C 113 2.50 -16.50 20.36
CA ASN C 113 1.34 -15.94 19.65
C ASN C 113 1.15 -14.53 20.24
N GLY C 115 -1.39 -12.28 20.17
CA GLY C 115 -2.62 -11.68 20.59
C GLY C 115 -3.77 -12.65 20.60
N SER C 116 -4.73 -12.44 21.52
CA SER C 116 -5.88 -13.26 21.60
C SER C 116 -6.66 -13.17 20.32
N ASN C 118 -9.61 -15.50 17.56
CA ASN C 118 -10.38 -16.69 17.17
C ASN C 118 -9.53 -17.55 16.21
N PHE C 119 -9.71 -18.89 16.26
CA PHE C 119 -9.04 -19.79 15.35
C PHE C 119 -10.19 -20.57 14.68
N GLY C 120 -10.53 -20.25 13.44
CA GLY C 120 -11.68 -20.91 12.78
C GLY C 120 -11.25 -22.14 12.01
N LEU C 121 -11.33 -23.29 12.66
CA LEU C 121 -10.88 -24.56 12.04
C LEU C 121 -12.05 -25.36 11.52
N TYR C 122 -13.23 -25.02 11.99
CA TYR C 122 -14.47 -25.75 11.61
C TYR C 122 -14.72 -25.87 10.12
N PRO C 123 -14.33 -24.86 9.33
CA PRO C 123 -14.55 -25.05 7.89
C PRO C 123 -13.84 -26.27 7.25
N LEU C 125 -14.11 -29.18 8.20
CA LEU C 125 -15.13 -30.22 8.26
C LEU C 125 -15.88 -30.35 6.93
N GLU C 126 -15.65 -29.41 6.02
CA GLU C 126 -16.27 -29.47 4.71
C GLU C 126 -15.43 -30.24 3.72
N ARG C 127 -14.12 -30.33 3.94
CA ARG C 127 -13.28 -31.12 3.06
C ARG C 127 -13.09 -32.51 3.64
N PHE C 128 -13.01 -32.61 4.96
CA PHE C 128 -12.78 -33.89 5.61
C PHE C 128 -14.03 -34.25 6.37
N LYS C 129 -14.72 -35.28 5.88
CA LYS C 129 -15.98 -35.74 6.46
C LYS C 129 -15.87 -36.99 7.36
N GLU C 130 -14.84 -37.82 7.15
CA GLU C 130 -14.65 -39.06 7.92
C GLU C 130 -13.37 -38.97 8.75
N PHE C 131 -13.45 -39.32 10.03
CA PHE C 131 -12.31 -39.28 10.93
C PHE C 131 -12.17 -40.60 11.69
N ALA C 132 -10.94 -41.07 11.89
CA ALA C 132 -10.71 -42.32 12.60
C ALA C 132 -10.96 -42.19 14.09
N HIS C 133 -10.76 -40.99 14.66
CA HIS C 133 -10.89 -40.76 16.09
C HIS C 133 -11.89 -39.67 16.37
N GLY C 134 -12.62 -39.86 17.46
CA GLY C 134 -13.68 -38.97 17.87
C GLY C 134 -13.24 -37.57 18.18
N TRP C 135 -12.02 -37.45 18.72
CA TRP C 135 -11.52 -36.14 19.11
C TRP C 135 -11.35 -35.22 17.91
N GLU C 136 -11.05 -35.76 16.74
CA GLU C 136 -10.74 -34.95 15.58
C GLU C 136 -11.88 -34.04 15.22
N ARG C 137 -13.07 -34.60 15.02
CA ARG C 137 -14.24 -33.78 14.69
C ARG C 137 -14.53 -32.74 15.77
N GLU C 138 -14.36 -33.15 17.02
CA GLU C 138 -14.62 -32.24 18.10
C GLU C 138 -13.59 -31.10 18.17
N HIS C 139 -12.34 -31.43 17.94
CA HIS C 139 -11.27 -30.42 17.89
C HIS C 139 -11.64 -29.33 16.86
N LEU C 140 -12.15 -29.75 15.72
CA LEU C 140 -12.49 -28.83 14.68
C LEU C 140 -13.78 -28.03 14.95
N GLU C 141 -14.83 -28.69 15.42
CA GLU C 141 -16.08 -27.98 15.68
CA GLU C 141 -16.11 -28.04 15.73
C GLU C 141 -15.96 -27.03 16.84
N ARG C 142 -15.28 -27.47 17.89
CA ARG C 142 -15.11 -26.66 19.07
C ARG C 142 -14.31 -25.39 18.87
N SER C 143 -13.59 -25.28 17.77
CA SER C 143 -12.89 -24.04 17.46
C SER C 143 -13.86 -22.87 17.21
N ARG C 144 -15.10 -23.19 16.84
CA ARG C 144 -16.13 -22.20 16.59
C ARG C 144 -16.41 -21.38 17.85
N ASP C 145 -16.41 -22.04 18.99
CA ASP C 145 -16.78 -21.36 20.21
C ASP C 145 -15.64 -21.11 21.18
N LEU C 146 -14.42 -21.19 20.69
CA LEU C 146 -13.27 -20.98 21.56
C LEU C 146 -12.38 -19.79 21.13
N VAL C 147 -11.77 -19.20 22.15
CA VAL C 147 -10.84 -18.14 21.92
C VAL C 147 -9.44 -18.67 22.26
N PHE C 148 -8.46 -18.41 21.42
CA PHE C 148 -7.07 -18.69 21.69
C PHE C 148 -6.64 -17.49 22.53
N LYS C 149 -6.55 -17.67 23.84
CA LYS C 149 -6.21 -16.57 24.75
C LYS C 149 -4.71 -16.30 24.95
N ASN C 150 -4.29 -15.08 24.62
CA ASN C 150 -2.92 -14.60 24.81
CA ASN C 150 -2.92 -14.63 24.91
C ASN C 150 -3.06 -13.13 25.16
N THR C 151 -3.48 -12.84 26.38
CA THR C 151 -3.67 -11.47 26.83
C THR C 151 -2.34 -10.77 27.05
N PHE C 152 -2.44 -9.48 27.25
CA PHE C 152 -1.22 -8.71 27.48
C PHE C 152 -0.47 -9.19 28.74
N ALA C 153 -1.24 -9.66 29.71
CA ALA C 153 -0.71 -10.25 30.95
C ALA C 153 -0.02 -11.57 30.64
N ASP C 154 -0.64 -12.42 29.81
CA ASP C 154 -0.06 -13.70 29.42
C ASP C 154 1.22 -13.51 28.67
N ILE C 155 1.21 -12.59 27.72
CA ILE C 155 2.41 -12.33 26.91
C ILE C 155 3.53 -11.85 27.80
N GLU C 156 3.23 -10.92 28.69
CA GLU C 156 4.25 -10.41 29.63
C GLU C 156 4.84 -11.59 30.41
N PHE C 157 3.99 -12.53 30.80
CA PHE C 157 4.42 -13.67 31.60
C PHE C 157 5.36 -14.57 30.85
N ILE C 158 4.96 -14.92 29.63
CA ILE C 158 5.82 -15.73 28.76
C ILE C 158 7.18 -15.03 28.47
N LEU C 159 7.16 -13.74 28.13
CA LEU C 159 8.37 -12.99 27.83
C LEU C 159 9.36 -13.05 29.02
N LYS C 160 8.82 -12.87 30.21
CA LYS C 160 9.63 -12.87 31.43
C LYS C 160 10.16 -14.27 31.78
N THR C 161 9.27 -15.24 31.76
CA THR C 161 9.57 -16.58 32.21
C THR C 161 10.52 -17.28 31.25
N CYS C 162 10.14 -17.37 29.98
CA CYS C 162 11.01 -18.01 28.98
C CYS C 162 12.24 -17.18 28.68
N GLY C 163 12.07 -15.86 28.56
CA GLY C 163 13.19 -15.02 28.24
C GLY C 163 14.30 -15.11 29.28
N GLY C 164 13.92 -15.28 30.54
CA GLY C 164 14.85 -15.38 31.68
C GLY C 164 15.84 -16.49 31.54
N ASN C 165 15.41 -17.55 30.84
CA ASN C 165 16.21 -18.73 30.57
C ASN C 165 17.06 -18.64 29.30
N GLY C 166 16.96 -17.54 28.59
CA GLY C 166 17.71 -17.37 27.38
C GLY C 166 17.04 -17.88 26.13
N THR C 167 15.78 -18.26 26.31
CA THR C 167 14.93 -18.67 25.19
C THR C 167 14.53 -17.40 24.46
N ARG C 168 14.66 -17.41 23.14
CA ARG C 168 14.27 -16.32 22.30
C ARG C 168 12.99 -16.75 21.63
N PHE C 169 12.27 -15.78 21.10
CA PHE C 169 10.95 -16.06 20.54
C PHE C 169 10.80 -15.97 19.05
N GLU C 170 9.95 -16.87 18.53
CA GLU C 170 9.41 -16.78 17.18
C GLU C 170 8.05 -16.12 17.45
N PHE C 171 8.00 -14.80 17.21
CA PHE C 171 6.81 -13.99 17.43
C PHE C 171 5.83 -14.25 16.30
N GLU C 172 4.78 -14.96 16.63
CA GLU C 172 3.80 -15.38 15.62
C GLU C 172 2.76 -14.27 15.56
N CYS C 173 2.75 -13.59 14.44
CA CYS C 173 1.90 -12.41 14.28
C CYS C 173 0.94 -12.68 13.16
N TYR C 174 -0.34 -12.77 13.50
CA TYR C 174 -1.41 -13.15 12.57
C TYR C 174 -2.13 -11.94 11.98
N ASP C 175 -1.80 -10.71 12.39
CA ASP C 175 -2.48 -9.63 11.82
C ASP C 175 -1.69 -8.39 12.26
N THR C 176 -2.07 -7.23 11.75
CA THR C 176 -1.35 -5.96 12.09
C THR C 176 -1.30 -5.70 13.56
N SER C 177 -2.41 -5.97 14.23
CA SER C 177 -2.47 -5.71 15.67
C SER C 177 -1.37 -6.42 16.46
N HIS C 178 -1.01 -7.61 16.04
CA HIS C 178 0.05 -8.38 16.69
C HIS C 178 1.42 -7.67 16.58
N LEU C 179 1.70 -7.03 15.43
CA LEU C 179 2.90 -6.25 15.27
C LEU C 179 2.87 -5.06 16.22
N TYR C 180 1.71 -4.39 16.32
CA TYR C 180 1.57 -3.28 17.24
C TYR C 180 1.65 -3.80 18.65
N ASN C 181 1.10 -4.99 18.92
CA ASN C 181 1.22 -5.56 20.26
C ASN C 181 2.69 -5.82 20.63
N LEU C 182 3.49 -6.27 19.67
CA LEU C 182 4.91 -6.54 19.92
C LEU C 182 5.60 -5.21 20.19
N ALA C 183 5.31 -4.21 19.36
CA ALA C 183 5.91 -2.83 19.59
C ALA C 183 5.62 -2.31 20.98
N HIS C 184 4.44 -2.59 21.50
CA HIS C 184 4.12 -2.20 22.86
C HIS C 184 5.10 -2.78 23.85
N PHE C 185 5.39 -4.07 23.71
CA PHE C 185 6.36 -4.73 24.59
C PHE C 185 7.79 -4.29 24.35
N VAL C 186 8.14 -4.01 23.11
CA VAL C 186 9.48 -3.50 22.78
C VAL C 186 9.63 -2.12 23.42
N ASP C 187 8.61 -1.30 23.33
CA ASP C 187 8.68 0.02 23.97
C ASP C 187 8.75 -0.03 25.49
N ARG C 188 8.20 -1.07 26.09
CA ARG C 188 8.30 -1.26 27.54
C ARG C 188 9.62 -1.96 27.89
N LYS C 189 10.46 -2.22 26.89
CA LYS C 189 11.75 -2.83 27.11
C LYS C 189 11.66 -4.25 27.68
N LEU C 190 10.60 -4.97 27.30
CA LEU C 190 10.34 -6.35 27.73
C LEU C 190 10.74 -7.40 26.70
N ALA C 191 11.09 -6.94 25.50
CA ALA C 191 11.65 -7.79 24.45
C ALA C 191 12.88 -7.10 23.87
N THR C 192 13.95 -7.84 23.61
CA THR C 192 15.18 -7.22 23.09
C THR C 192 15.47 -7.74 21.66
N PRO C 193 16.06 -6.91 20.79
CA PRO C 193 16.35 -7.37 19.44
C PRO C 193 17.41 -8.46 19.37
N PRO C 194 17.47 -9.19 18.24
CA PRO C 194 16.60 -9.06 17.05
C PRO C 194 15.28 -9.79 17.29
N PHE C 195 14.20 -9.29 16.69
CA PHE C 195 12.87 -9.88 16.87
C PHE C 195 12.59 -10.77 15.69
N PHE C 196 12.43 -12.07 15.93
CA PHE C 196 12.16 -13.03 14.88
C PHE C 196 10.65 -12.97 14.73
N VAL C 197 10.22 -12.24 13.70
CA VAL C 197 8.78 -12.02 13.43
C VAL C 197 8.25 -12.92 12.29
N GLN C 198 7.38 -13.84 12.66
CA GLN C 198 6.75 -14.81 11.74
C GLN C 198 5.38 -14.28 11.43
N THR C 199 5.19 -13.75 10.24
CA THR C 199 3.91 -13.15 9.87
C THR C 199 3.13 -14.32 9.27
N VAL C 200 1.97 -14.59 9.84
CA VAL C 200 1.13 -15.78 9.49
C VAL C 200 -0.08 -15.37 8.70
N PHE C 201 -0.22 -15.95 7.49
CA PHE C 201 -1.27 -15.58 6.56
C PHE C 201 -2.18 -16.70 6.21
N GLY C 202 -3.46 -16.37 6.10
CA GLY C 202 -4.43 -17.33 5.53
C GLY C 202 -5.27 -18.19 6.43
N LEU C 203 -5.19 -17.95 7.73
CA LEU C 203 -5.98 -18.65 8.71
C LEU C 203 -7.24 -17.85 9.07
N LEU C 204 -8.39 -18.52 9.04
CA LEU C 204 -9.67 -17.87 9.42
C LEU C 204 -9.53 -17.45 10.86
N GLY C 205 -9.65 -16.16 11.09
CA GLY C 205 -9.43 -15.62 12.42
C GLY C 205 -8.19 -14.74 12.40
N GLY C 206 -7.41 -14.86 11.34
CA GLY C 206 -6.23 -14.04 11.15
C GLY C 206 -6.33 -13.27 9.85
N ILE C 207 -5.24 -12.60 9.48
CA ILE C 207 -5.22 -11.90 8.22
C ILE C 207 -5.25 -12.94 7.05
N GLY C 208 -5.73 -12.49 5.91
CA GLY C 208 -5.80 -13.32 4.74
C GLY C 208 -4.46 -13.48 4.01
N PRO C 209 -4.47 -14.16 2.87
CA PRO C 209 -3.29 -14.45 2.14
C PRO C 209 -3.06 -13.63 0.89
N HIS C 210 -3.62 -12.43 0.79
CA HIS C 210 -3.43 -11.66 -0.42
C HIS C 210 -2.03 -11.00 -0.40
N PRO C 211 -1.40 -10.83 -1.59
CA PRO C 211 -0.13 -10.09 -1.64
C PRO C 211 -0.23 -8.73 -0.95
N GLU C 212 -1.40 -8.09 -0.98
CA GLU C 212 -1.56 -6.81 -0.25
C GLU C 212 -1.40 -7.02 1.27
N ASP C 213 -1.91 -8.15 1.78
CA ASP C 213 -1.78 -8.48 3.22
C ASP C 213 -0.32 -8.62 3.58
N LEU C 214 0.42 -9.34 2.73
CA LEU C 214 1.85 -9.51 2.98
C LEU C 214 2.58 -8.18 2.91
N ALA C 215 2.35 -7.38 1.89
CA ALA C 215 3.03 -6.04 1.81
C ALA C 215 2.67 -5.19 3.00
N HIS C 216 1.45 -5.27 3.50
CA HIS C 216 1.02 -4.50 4.66
CA HIS C 216 1.12 -4.40 4.65
C HIS C 216 1.80 -4.86 5.93
N ARG C 218 4.76 -6.26 6.07
CA ARG C 218 6.15 -5.84 5.97
C ARG C 218 6.29 -4.35 6.24
N ARG C 219 5.42 -3.55 5.61
CA ARG C 219 5.58 -2.06 5.80
C ARG C 219 5.33 -1.67 7.24
N THR C 220 4.41 -2.36 7.92
CA THR C 220 4.17 -2.09 9.34
C THR C 220 5.37 -2.47 10.19
N ALA C 221 5.87 -3.69 9.99
CA ALA C 221 7.06 -4.19 10.74
C ALA C 221 8.28 -3.29 10.49
N ASP C 222 8.49 -2.91 9.23
CA ASP C 222 9.57 -1.99 8.88
C ASP C 222 9.45 -0.68 9.65
N ARG C 223 8.25 -0.11 9.68
CA ARG C 223 8.06 1.16 10.41
C ARG C 223 8.22 0.99 11.91
N LEU C 224 7.67 -0.08 12.46
CA LEU C 224 7.75 -0.26 13.90
C LEU C 224 9.11 -0.72 14.43
N PHE C 225 9.78 -1.58 13.71
CA PHE C 225 11.05 -2.15 14.20
C PHE C 225 12.33 -1.81 13.43
N GLY C 226 12.20 -1.22 12.26
CA GLY C 226 13.36 -0.92 11.43
C GLY C 226 14.25 -2.12 11.14
N ALA C 227 15.53 -1.97 11.46
CA ALA C 227 16.52 -3.04 11.23
C ALA C 227 16.59 -4.05 12.37
N ASP C 228 15.73 -3.92 13.38
CA ASP C 228 15.79 -4.77 14.57
C ASP C 228 14.98 -6.06 14.52
N TYR C 229 14.30 -6.30 13.41
CA TYR C 229 13.59 -7.59 13.26
C TYR C 229 14.14 -8.40 12.14
N VAL C 230 13.79 -9.70 12.17
CA VAL C 230 14.19 -10.63 11.20
C VAL C 230 12.83 -11.23 10.78
N TRP C 231 12.52 -11.04 9.54
CA TRP C 231 11.20 -11.43 8.99
C TRP C 231 11.13 -12.82 8.43
N SER C 232 10.11 -13.55 8.85
CA SER C 232 9.78 -14.87 8.25
C SER C 232 8.32 -14.90 7.83
N ILE C 233 8.03 -15.66 6.77
CA ILE C 233 6.71 -15.73 6.21
C ILE C 233 6.14 -17.12 6.39
N LEU C 234 4.90 -17.19 6.86
CA LEU C 234 4.14 -18.46 6.91
C LEU C 234 2.81 -18.29 6.17
N GLY C 235 2.64 -19.01 5.05
CA GLY C 235 1.41 -18.98 4.35
C GLY C 235 0.76 -20.31 4.61
N ALA C 236 -0.49 -20.29 5.07
CA ALA C 236 -1.24 -21.51 5.36
C ALA C 236 -1.68 -22.20 4.09
N GLY C 237 -1.62 -23.53 4.11
CA GLY C 237 -2.22 -24.32 3.02
C GLY C 237 -1.57 -24.06 1.70
N ARG C 238 -2.39 -23.88 0.67
CA ARG C 238 -1.92 -23.65 -0.67
CA ARG C 238 -1.93 -23.63 -0.69
C ARG C 238 -1.10 -22.38 -0.84
N HIS C 239 -1.21 -21.48 0.13
CA HIS C 239 -0.46 -20.22 0.10
C HIS C 239 0.98 -20.34 0.63
N GLN C 240 1.39 -21.52 1.09
CA GLN C 240 2.71 -21.71 1.67
C GLN C 240 3.89 -21.27 0.79
N ILE C 241 3.97 -21.83 -0.41
CA ILE C 241 5.09 -21.57 -1.31
C ILE C 241 4.96 -20.18 -1.96
N PRO C 242 3.77 -19.82 -2.51
CA PRO C 242 3.63 -18.49 -3.10
C PRO C 242 3.99 -17.35 -2.18
N LEU C 243 3.51 -17.36 -0.93
CA LEU C 243 3.80 -16.25 -0.01
C LEU C 243 5.24 -16.30 0.44
N ALA C 244 5.75 -17.47 0.72
CA ALA C 244 7.15 -17.63 1.07
C ALA C 244 8.06 -17.12 -0.05
N SER C 245 7.67 -17.36 -1.29
CA SER C 245 8.44 -16.93 -2.45
C SER C 245 8.51 -15.41 -2.55
N ILE C 246 7.37 -14.77 -2.38
CA ILE C 246 7.24 -13.32 -2.39
C ILE C 246 8.15 -12.76 -1.32
N GLY C 247 8.11 -13.33 -0.11
CA GLY C 247 9.00 -12.85 0.94
C GLY C 247 10.48 -13.08 0.65
N ALA C 248 10.81 -14.29 0.22
CA ALA C 248 12.21 -14.68 -0.04
C ALA C 248 12.78 -13.76 -1.11
N ALA C 249 11.97 -13.43 -2.13
CA ALA C 249 12.40 -12.53 -3.23
C ALA C 249 12.75 -11.13 -2.73
N GLN C 250 12.34 -10.78 -1.51
CA GLN C 250 12.64 -9.44 -0.98
C GLN C 250 13.40 -9.44 0.33
N GLY C 251 14.14 -10.51 0.59
CA GLY C 251 15.00 -10.58 1.75
C GLY C 251 14.45 -11.30 2.96
N ALA C 252 13.25 -11.86 2.85
CA ALA C 252 12.64 -12.46 3.98
C ALA C 252 13.09 -13.91 4.14
N ASN C 253 12.77 -14.46 5.30
CA ASN C 253 13.02 -15.85 5.62
C ASN C 253 11.68 -16.59 5.43
N VAL C 254 11.72 -17.89 5.53
CA VAL C 254 10.56 -18.70 5.10
C VAL C 254 10.22 -19.81 6.08
N ARG C 255 8.92 -20.13 6.18
CA ARG C 255 8.51 -21.20 7.04
C ARG C 255 7.66 -22.13 6.16
N VAL C 256 7.99 -23.40 6.24
CA VAL C 256 7.20 -24.47 5.58
C VAL C 256 6.83 -25.54 6.62
N GLY C 257 6.24 -26.66 6.20
CA GLY C 257 5.96 -27.67 7.19
C GLY C 257 4.52 -28.18 7.13
N LEU C 258 4.37 -29.47 7.48
CA LEU C 258 3.06 -30.09 7.55
C LEU C 258 2.20 -29.55 8.67
N GLU C 259 2.77 -28.79 9.61
CA GLU C 259 1.88 -28.11 10.55
C GLU C 259 1.02 -27.11 9.84
N ASP C 260 1.54 -26.51 8.77
CA ASP C 260 0.95 -25.36 8.12
C ASP C 260 0.26 -25.69 6.81
N SER C 261 0.80 -26.65 6.07
CA SER C 261 0.16 -27.15 4.83
C SER C 261 0.38 -28.63 4.66
N LEU C 262 -0.70 -29.33 4.33
CA LEU C 262 -0.58 -30.78 4.08
C LEU C 262 -0.18 -31.11 2.65
N TRP C 263 -0.06 -30.09 1.82
CA TRP C 263 0.12 -30.24 0.37
C TRP C 263 1.50 -29.97 -0.14
N ILE C 264 1.82 -30.62 -1.26
CA ILE C 264 3.10 -30.36 -1.97
C ILE C 264 2.80 -29.71 -3.33
N ALA C 265 1.56 -29.84 -3.78
CA ALA C 265 1.09 -29.30 -5.06
C ALA C 265 -0.42 -29.41 -5.03
N PRO C 266 -1.10 -28.72 -5.96
CA PRO C 266 -2.56 -28.81 -6.01
C PRO C 266 -3.10 -30.25 -6.03
N GLY C 267 -3.91 -30.56 -5.02
CA GLY C 267 -4.47 -31.90 -4.86
C GLY C 267 -3.48 -33.01 -4.59
N GLU C 268 -2.23 -32.66 -4.25
CA GLU C 268 -1.20 -33.65 -3.99
C GLU C 268 -0.67 -33.46 -2.56
N LEU C 269 -0.86 -34.47 -1.71
CA LEU C 269 -0.41 -34.43 -0.33
C LEU C 269 1.09 -34.53 -0.23
N ALA C 270 1.69 -33.76 0.69
CA ALA C 270 3.13 -33.80 0.90
C ALA C 270 3.45 -35.05 1.70
N GLU C 271 4.40 -35.86 1.20
CA GLU C 271 4.77 -37.10 1.91
C GLU C 271 5.68 -36.87 3.11
N THR C 272 6.46 -35.82 3.00
CA THR C 272 7.36 -35.43 4.06
C THR C 272 7.44 -33.92 4.16
N ASN C 273 7.86 -33.49 5.34
CA ASN C 273 8.24 -32.10 5.62
C ASN C 273 9.41 -31.75 4.72
N ALA C 274 10.40 -32.66 4.61
CA ALA C 274 11.53 -32.43 3.72
C ALA C 274 11.12 -32.05 2.32
N ALA C 275 10.08 -32.68 1.75
CA ALA C 275 9.67 -32.29 0.41
C ALA C 275 9.31 -30.82 0.26
N GLN C 276 8.66 -30.27 1.27
CA GLN C 276 8.28 -28.86 1.28
C GLN C 276 9.56 -28.00 1.41
N VAL C 277 10.53 -28.48 2.15
CA VAL C 277 11.83 -27.72 2.28
C VAL C 277 12.50 -27.72 0.88
N ARG C 278 12.47 -28.86 0.18
CA ARG C 278 13.05 -28.92 -1.17
C ARG C 278 12.31 -28.00 -2.15
N LYS C 279 11.02 -27.88 -1.98
CA LYS C 279 10.21 -27.09 -2.90
C LYS C 279 10.57 -25.63 -2.73
N ILE C 280 10.60 -25.12 -1.50
CA ILE C 280 10.97 -23.70 -1.32
C ILE C 280 12.43 -23.46 -1.71
N ARG C 281 13.29 -24.45 -1.51
CA ARG C 281 14.66 -24.35 -1.99
C ARG C 281 14.83 -24.19 -3.51
N GLN C 282 13.91 -24.71 -4.32
CA GLN C 282 14.01 -24.46 -5.74
C GLN C 282 13.84 -22.99 -6.03
N VAL C 283 12.97 -22.34 -5.28
CA VAL C 283 12.69 -20.96 -5.48
C VAL C 283 13.89 -20.17 -4.96
N ILE C 284 14.39 -20.52 -3.79
CA ILE C 284 15.58 -19.85 -3.18
C ILE C 284 16.79 -19.96 -4.13
N GLU C 285 16.96 -21.11 -4.76
CA GLU C 285 18.07 -21.34 -5.73
C GLU C 285 17.84 -20.50 -7.01
N GLY C 286 16.58 -20.46 -7.46
CA GLY C 286 16.19 -19.65 -8.63
C GLY C 286 16.54 -18.20 -8.41
N LEU C 287 16.38 -17.75 -7.17
CA LEU C 287 16.75 -16.39 -6.77
C LEU C 287 18.25 -16.19 -6.53
N SER C 288 19.07 -17.21 -6.77
CA SER C 288 20.51 -17.10 -6.49
C SER C 288 20.78 -16.76 -5.02
N LEU C 289 19.98 -17.32 -4.12
CA LEU C 289 20.17 -17.13 -2.69
C LEU C 289 20.68 -18.41 -2.07
N GLU C 290 21.26 -18.28 -0.89
CA GLU C 290 21.79 -19.38 -0.15
C GLU C 290 20.96 -19.61 1.09
N VAL C 291 20.94 -20.84 1.55
CA VAL C 291 20.21 -21.23 2.72
C VAL C 291 21.12 -21.09 3.93
N ALA C 292 20.57 -20.52 5.01
CA ALA C 292 21.31 -20.37 6.29
C ALA C 292 21.52 -21.69 6.97
N SER C 293 22.73 -21.94 7.48
CA SER C 293 23.02 -23.11 8.30
C SER C 293 22.46 -22.83 9.68
N PRO C 294 22.30 -23.86 10.52
CA PRO C 294 21.92 -23.63 11.90
C PRO C 294 22.85 -22.64 12.62
N ALA C 295 24.15 -22.79 12.42
CA ALA C 295 25.13 -21.81 13.03
C ALA C 295 24.84 -20.38 12.57
N GLU C 296 24.57 -20.18 11.29
CA GLU C 296 24.24 -18.84 10.79
C GLU C 296 22.93 -18.29 11.34
N ALA C 297 21.92 -19.15 11.44
CA ALA C 297 20.60 -18.81 12.02
C ALA C 297 20.80 -18.41 13.48
N ARG C 298 21.61 -19.15 14.21
CA ARG C 298 21.89 -18.79 15.60
C ARG C 298 22.48 -17.40 15.71
N THR C 299 23.37 -17.06 14.80
CA THR C 299 23.98 -15.74 14.82
C THR C 299 22.99 -14.66 14.46
N LEU C 301 19.80 -14.67 14.88
CA LEU C 301 18.72 -14.56 15.89
C LEU C 301 19.19 -14.39 17.31
N GLY C 302 20.49 -14.37 17.52
CA GLY C 302 21.07 -14.24 18.85
C GLY C 302 20.76 -15.37 19.80
N LEU C 303 20.80 -16.61 19.29
CA LEU C 303 20.42 -17.77 20.08
C LEU C 303 21.55 -18.27 20.96
N LYS C 304 21.23 -18.95 22.05
CA LYS C 304 22.23 -19.32 23.05
C LYS C 304 23.10 -20.54 22.73
N GLY C 305 22.67 -21.40 21.81
CA GLY C 305 23.50 -22.55 21.46
C GLY C 305 22.82 -23.89 21.66
N PRO C 306 23.21 -24.87 20.82
CA PRO C 306 22.54 -26.18 20.83
C PRO C 306 22.78 -27.00 22.10
N GLN C 307 23.87 -26.68 22.80
CA GLN C 307 24.26 -27.34 24.01
CA GLN C 307 24.18 -27.41 24.02
C GLN C 307 23.65 -26.71 25.26
N ASN C 308 23.00 -25.56 25.09
CA ASN C 308 22.49 -24.78 26.22
C ASN C 308 21.00 -24.94 26.44
N VAL C 309 20.53 -26.17 26.28
CA VAL C 309 19.14 -26.54 26.46
C VAL C 309 19.03 -27.67 27.46
N ASN C 310 17.90 -27.78 28.11
CA ASN C 310 17.74 -28.76 29.12
C ASN C 310 17.18 -30.10 28.58
N PHE C 311 17.85 -30.63 27.57
CA PHE C 311 17.56 -31.96 27.01
C PHE C 311 18.71 -32.46 26.18
N SER D 5 -25.14 7.47 -3.14
CA SER D 5 -25.14 8.68 -2.26
C SER D 5 -23.74 9.20 -1.90
N ARG D 6 -23.60 10.52 -2.02
CA ARG D 6 -22.38 11.22 -1.69
C ARG D 6 -22.55 11.89 -0.33
N LYS D 7 -23.69 11.66 0.34
CA LYS D 7 -23.94 12.25 1.66
C LYS D 7 -23.14 11.52 2.70
N VAL D 8 -22.61 12.25 3.69
CA VAL D 8 -21.83 11.63 4.73
C VAL D 8 -22.66 11.36 5.98
N ILE D 9 -22.59 10.12 6.46
CA ILE D 9 -23.26 9.73 7.66
C ILE D 9 -22.29 9.97 8.80
N ILE D 10 -22.75 10.78 9.73
CA ILE D 10 -22.04 11.02 10.99
C ILE D 10 -22.64 10.17 12.11
N THR D 11 -21.85 9.25 12.65
CA THR D 11 -22.23 8.50 13.86
C THR D 11 -21.59 9.20 15.04
N CYS D 12 -22.33 9.38 16.14
CA CYS D 12 -21.76 9.91 17.36
C CYS D 12 -21.95 8.87 18.45
N ALA D 13 -20.84 8.41 19.00
CA ALA D 13 -20.76 7.49 20.17
C ALA D 13 -20.59 8.33 21.44
N VAL D 14 -21.66 8.45 22.24
CA VAL D 14 -21.73 9.45 23.30
C VAL D 14 -21.01 9.25 24.62
N THR D 15 -20.77 7.99 25.00
CA THR D 15 -20.12 7.73 26.30
C THR D 15 -19.30 6.45 26.34
N GLY D 16 -19.81 5.36 25.79
CA GLY D 16 -19.02 4.18 25.73
C GLY D 16 -18.84 3.53 27.08
N ALA D 17 -17.85 2.65 27.12
CA ALA D 17 -17.49 1.89 28.32
C ALA D 17 -15.99 1.94 28.56
N ILE D 18 -15.21 2.65 27.73
CA ILE D 18 -13.75 2.63 27.86
C ILE D 18 -13.30 3.71 28.80
N HIS D 19 -13.67 4.95 28.49
CA HIS D 19 -13.31 6.09 29.34
C HIS D 19 -14.01 6.02 30.70
N THR D 20 -13.44 6.65 31.74
CA THR D 20 -14.05 6.59 33.05
C THR D 20 -14.37 8.07 33.45
N PRO D 21 -15.36 8.26 34.34
CA PRO D 21 -15.80 9.61 34.64
C PRO D 21 -14.72 10.52 35.22
N SER D 22 -13.71 9.98 35.90
CA SER D 22 -12.67 10.85 36.47
C SER D 22 -11.76 11.44 35.42
N SER D 24 -12.75 13.01 32.67
CA SER D 24 -13.35 14.21 32.14
C SER D 24 -14.73 14.45 32.70
N PRO D 25 -14.96 15.68 33.18
CA PRO D 25 -16.28 16.00 33.72
C PRO D 25 -17.36 16.04 32.65
N TYR D 26 -16.95 16.02 31.37
CA TYR D 26 -17.90 16.11 30.29
C TYR D 26 -18.38 14.76 29.80
N LEU D 27 -17.79 13.68 30.30
CA LEU D 27 -18.24 12.34 29.87
C LEU D 27 -19.64 12.09 30.41
N PRO D 28 -20.61 11.83 29.53
CA PRO D 28 -21.97 11.58 30.03
C PRO D 28 -22.10 10.32 30.88
N VAL D 29 -22.80 10.45 32.00
CA VAL D 29 -23.02 9.37 32.93
C VAL D 29 -24.49 9.07 33.21
N THR D 30 -25.24 10.07 33.66
CA THR D 30 -26.63 9.86 34.03
C THR D 30 -27.49 9.79 32.78
N PRO D 31 -28.67 9.16 32.90
CA PRO D 31 -29.64 9.13 31.82
C PRO D 31 -29.96 10.52 31.24
N ASP D 32 -30.00 11.55 32.09
CA ASP D 32 -30.25 12.90 31.58
C ASP D 32 -29.06 13.34 30.73
N GLU D 33 -27.85 13.10 31.21
CA GLU D 33 -26.65 13.50 30.46
C GLU D 33 -26.58 12.75 29.14
N VAL D 34 -26.87 11.47 29.17
CA VAL D 34 -26.80 10.68 27.96
C VAL D 34 -27.81 11.17 26.94
N ALA D 35 -29.03 11.47 27.38
CA ALA D 35 -30.06 11.98 26.49
C ALA D 35 -29.68 13.35 25.97
N GLN D 36 -29.16 14.23 26.82
CA GLN D 36 -28.81 15.53 26.32
C GLN D 36 -27.71 15.41 25.29
N ALA D 37 -26.67 14.62 25.60
CA ALA D 37 -25.53 14.36 24.68
C ALA D 37 -25.98 13.92 23.31
N SER D 38 -26.89 12.96 23.32
CA SER D 38 -27.48 12.35 22.11
C SER D 38 -28.28 13.35 21.26
N ILE D 39 -29.20 14.05 21.89
CA ILE D 39 -30.01 15.06 21.24
C ILE D 39 -29.15 16.17 20.68
N GLY D 40 -28.17 16.63 21.46
CA GLY D 40 -27.28 17.67 21.01
C GLY D 40 -26.44 17.26 19.81
N ALA D 41 -25.98 16.02 19.81
CA ALA D 41 -25.17 15.51 18.74
C ALA D 41 -26.06 15.36 17.49
N ALA D 42 -27.28 14.87 17.67
CA ALA D 42 -28.19 14.76 16.51
C ALA D 42 -28.50 16.14 15.89
N GLU D 43 -28.71 17.14 16.77
CA GLU D 43 -28.98 18.51 16.33
C GLU D 43 -27.76 19.12 15.63
N ALA D 44 -26.55 18.71 16.04
CA ALA D 44 -25.32 19.10 15.38
C ALA D 44 -25.13 18.43 14.03
N GLY D 45 -25.85 17.35 13.75
CA GLY D 45 -25.71 16.70 12.47
C GLY D 45 -25.49 15.18 12.49
N ALA D 46 -25.42 14.55 13.66
CA ALA D 46 -25.22 13.12 13.74
C ALA D 46 -26.52 12.40 13.36
N ALA D 47 -26.47 11.57 12.33
CA ALA D 47 -27.62 10.78 11.92
C ALA D 47 -27.78 9.44 12.71
N VAL D 48 -26.69 9.00 13.37
CA VAL D 48 -26.66 7.76 14.15
C VAL D 48 -26.08 8.03 15.49
N ILE D 49 -26.77 7.59 16.55
CA ILE D 49 -26.25 7.75 17.93
C ILE D 49 -25.95 6.37 18.49
N HIS D 50 -24.67 6.11 18.74
CA HIS D 50 -24.17 4.86 19.28
C HIS D 50 -24.13 4.99 20.80
N LEU D 51 -24.88 4.12 21.44
CA LEU D 51 -25.17 4.20 22.87
C LEU D 51 -24.77 3.06 23.79
N HIS D 52 -24.23 3.46 24.94
CA HIS D 52 -24.05 2.59 26.11
C HIS D 52 -24.77 3.31 27.26
N ALA D 53 -24.99 2.58 28.35
CA ALA D 53 -25.56 3.11 29.60
C ALA D 53 -24.49 2.98 30.70
N ARG D 54 -24.51 3.90 31.64
CA ARG D 54 -23.64 3.85 32.80
C ARG D 54 -24.53 3.88 34.06
N ASP D 55 -23.95 3.50 35.18
CA ASP D 55 -24.63 3.59 36.45
C ASP D 55 -24.57 5.06 36.86
N PRO D 56 -25.71 5.69 37.18
CA PRO D 56 -25.68 7.12 37.47
C PRO D 56 -24.95 7.51 38.74
N ARG D 57 -24.72 6.57 39.63
CA ARG D 57 -24.09 6.87 40.89
C ARG D 57 -22.58 6.95 40.74
N ASP D 58 -21.98 6.03 39.98
CA ASP D 58 -20.54 6.03 39.87
C ASP D 58 -20.03 5.98 38.43
N GLY D 59 -20.91 5.93 37.42
CA GLY D 59 -20.48 5.94 36.03
C GLY D 59 -20.01 4.60 35.47
N ARG D 60 -20.07 3.56 36.27
CA ARG D 60 -19.60 2.26 35.88
C ARG D 60 -20.47 1.73 34.73
N PRO D 61 -19.85 1.09 33.73
CA PRO D 61 -20.66 0.52 32.65
C PRO D 61 -21.72 -0.45 33.12
N THR D 62 -22.87 -0.47 32.44
CA THR D 62 -23.90 -1.42 32.78
C THR D 62 -24.66 -1.75 31.49
N GLN D 63 -24.91 -3.03 31.28
CA GLN D 63 -25.75 -3.51 30.17
C GLN D 63 -27.09 -4.00 30.66
N ASP D 64 -27.49 -3.54 31.84
CA ASP D 64 -28.82 -3.87 32.35
C ASP D 64 -29.84 -3.08 31.50
N PRO D 65 -30.78 -3.76 30.85
CA PRO D 65 -31.74 -2.96 30.08
C PRO D 65 -32.48 -1.83 30.84
N ALA D 66 -32.73 -2.06 32.13
CA ALA D 66 -33.36 -1.04 32.98
C ALA D 66 -32.55 0.25 32.94
N ALA D 67 -31.23 0.13 32.75
CA ALA D 67 -30.32 1.30 32.72
C ALA D 67 -30.50 2.20 31.46
N PHE D 68 -31.18 1.66 30.45
CA PHE D 68 -31.49 2.37 29.21
C PHE D 68 -32.93 2.86 29.16
N ALA D 69 -33.75 2.37 30.09
CA ALA D 69 -35.20 2.57 30.06
C ALA D 69 -35.71 4.01 30.04
N GLU D 70 -34.98 4.92 30.63
CA GLU D 70 -35.39 6.31 30.62
C GLU D 70 -34.85 7.04 29.40
N PHE D 71 -33.53 6.96 29.16
CA PHE D 71 -32.99 7.75 28.06
C PHE D 71 -33.45 7.37 26.66
N LEU D 72 -33.62 6.09 26.42
CA LEU D 72 -34.06 5.63 25.08
C LEU D 72 -35.35 6.27 24.57
N PRO D 73 -36.48 6.11 25.29
CA PRO D 73 -37.68 6.80 24.77
C PRO D 73 -37.55 8.33 24.70
N ARG D 74 -36.76 8.91 25.59
CA ARG D 74 -36.58 10.33 25.57
C ARG D 74 -35.84 10.78 24.31
N ILE D 75 -34.82 10.01 23.90
CA ILE D 75 -34.08 10.35 22.70
C ILE D 75 -35.04 10.15 21.49
N LYS D 76 -35.77 9.04 21.50
CA LYS D 76 -36.70 8.73 20.41
C LYS D 76 -37.77 9.82 20.21
N SER D 77 -38.29 10.36 21.29
CA SER D 77 -39.32 11.40 21.20
CA SER D 77 -39.31 11.40 21.24
C SER D 77 -38.76 12.74 20.79
N ASN D 78 -37.45 12.95 20.90
CA ASN D 78 -36.84 14.24 20.57
C ASN D 78 -35.98 14.35 19.34
N THR D 79 -35.70 13.23 18.68
CA THR D 79 -34.92 13.25 17.42
C THR D 79 -35.29 12.02 16.61
N ASP D 80 -35.12 12.12 15.29
CA ASP D 80 -35.35 10.99 14.35
C ASP D 80 -34.02 10.28 14.13
N ALA D 81 -32.95 10.72 14.82
CA ALA D 81 -31.66 10.03 14.65
C ALA D 81 -31.79 8.54 14.97
N VAL D 82 -30.99 7.76 14.29
CA VAL D 82 -30.98 6.30 14.50
C VAL D 82 -30.27 5.92 15.80
N ILE D 83 -31.01 5.22 16.66
CA ILE D 83 -30.46 4.67 17.88
C ILE D 83 -29.76 3.32 17.60
N ASN D 84 -28.49 3.27 17.98
CA ASN D 84 -27.59 2.14 17.78
C ASN D 84 -27.07 1.70 19.14
N LEU D 85 -27.48 0.52 19.56
CA LEU D 85 -27.12 -0.01 20.87
C LEU D 85 -25.95 -0.94 20.83
N THR D 86 -25.08 -0.80 21.80
CA THR D 86 -23.92 -1.65 21.90
C THR D 86 -24.27 -3.08 22.29
N THR D 87 -23.57 -4.04 21.70
CA THR D 87 -23.63 -5.43 22.16
C THR D 87 -22.28 -5.79 22.77
N GLY D 88 -21.38 -4.80 22.82
CA GLY D 88 -20.05 -4.95 23.37
C GLY D 88 -20.04 -4.59 24.85
N GLY D 89 -20.65 -3.44 25.17
CA GLY D 89 -20.72 -2.94 26.53
C GLY D 89 -19.29 -2.80 26.99
N SER D 90 -19.00 -3.36 28.18
CA SER D 90 -17.65 -3.45 28.69
C SER D 90 -17.14 -4.88 28.40
N PRO D 91 -15.91 -5.00 27.86
CA PRO D 91 -15.24 -6.31 27.68
C PRO D 91 -15.11 -7.15 29.00
N HIS D 92 -15.17 -6.48 30.16
CA HIS D 92 -15.21 -7.18 31.45
C HIS D 92 -16.53 -7.98 31.62
N THR D 94 -19.87 -10.45 30.54
CA THR D 94 -20.03 -11.75 29.86
C THR D 94 -20.89 -11.53 28.61
N VAL D 95 -20.96 -12.55 27.74
CA VAL D 95 -21.82 -12.49 26.52
C VAL D 95 -23.28 -12.81 26.87
N GLU D 96 -24.21 -12.50 25.96
CA GLU D 96 -25.68 -12.83 26.14
C GLU D 96 -26.37 -12.03 27.27
N GLU D 97 -25.51 -11.55 28.17
CA GLU D 97 -25.75 -10.53 29.14
C GLU D 97 -25.52 -9.22 28.36
N ARG D 98 -24.39 -9.20 27.63
CA ARG D 98 -24.03 -8.09 26.73
CA ARG D 98 -24.04 -8.07 26.75
C ARG D 98 -25.17 -7.84 25.75
N LEU D 99 -25.88 -8.91 25.40
CA LEU D 99 -26.99 -8.90 24.43
C LEU D 99 -28.36 -8.49 24.92
N ARG D 100 -28.54 -8.39 26.23
CA ARG D 100 -29.83 -8.04 26.78
C ARG D 100 -30.43 -6.76 26.20
N PRO D 101 -29.67 -5.66 26.18
CA PRO D 101 -30.34 -4.48 25.62
C PRO D 101 -30.80 -4.57 24.16
N ALA D 102 -29.95 -5.11 23.28
CA ALA D 102 -30.25 -5.20 21.86
C ALA D 102 -31.39 -6.18 21.63
N THR D 103 -31.44 -7.27 22.40
CA THR D 103 -32.49 -8.28 22.16
C THR D 103 -33.80 -7.80 22.74
N HIS D 104 -33.75 -7.08 23.87
CA HIS D 104 -34.97 -6.51 24.45
C HIS D 104 -35.52 -5.34 23.67
N TYR D 105 -34.67 -4.38 23.33
CA TYR D 105 -35.11 -3.16 22.69
C TYR D 105 -35.29 -3.22 21.17
N PRO D 107 -33.45 -2.65 18.50
CA PRO D 107 -33.15 -1.38 17.86
C PRO D 107 -32.90 -1.50 16.36
N GLU D 108 -32.91 -0.35 15.67
CA GLU D 108 -32.60 -0.34 14.23
C GLU D 108 -31.20 -0.82 13.96
N LEU D 109 -30.29 -0.38 14.84
CA LEU D 109 -28.88 -0.72 14.77
C LEU D 109 -28.33 -1.19 16.11
N ALA D 110 -27.39 -2.13 16.01
CA ALA D 110 -26.64 -2.69 17.13
C ALA D 110 -25.17 -2.82 16.69
N SER D 111 -24.22 -2.55 17.59
CA SER D 111 -22.86 -2.72 17.23
C SER D 111 -22.49 -4.19 17.35
N LEU D 112 -21.50 -4.60 16.55
CA LEU D 112 -21.04 -6.00 16.55
C LEU D 112 -19.53 -6.05 16.33
N ASN D 113 -18.82 -6.43 17.37
CA ASN D 113 -17.38 -6.55 17.34
C ASN D 113 -17.02 -7.85 16.59
N GLY D 115 -14.42 -9.77 16.16
CA GLY D 115 -13.48 -10.79 16.54
C GLY D 115 -12.93 -10.65 17.92
N SER D 116 -12.59 -11.77 18.53
CA SER D 116 -11.96 -11.78 19.85
C SER D 116 -10.60 -11.09 19.79
N ASN D 118 -7.45 -8.66 22.37
CA ASN D 118 -7.04 -8.01 23.59
C ASN D 118 -7.55 -6.58 23.48
N PHE D 119 -7.79 -5.97 24.63
CA PHE D 119 -8.21 -4.59 24.77
C PHE D 119 -7.32 -3.98 25.83
N GLY D 120 -6.28 -3.30 25.42
CA GLY D 120 -5.29 -2.77 26.42
C GLY D 120 -5.67 -1.37 26.85
N LEU D 121 -6.32 -1.23 28.02
CA LEU D 121 -6.72 0.07 28.48
C LEU D 121 -5.75 0.61 29.52
N TYR D 122 -4.95 -0.29 30.09
CA TYR D 122 -4.03 0.03 31.18
C TYR D 122 -3.04 1.16 30.91
N PRO D 123 -2.60 1.36 29.66
CA PRO D 123 -1.73 2.54 29.50
C PRO D 123 -2.36 3.89 29.83
N LEU D 125 -3.61 4.61 32.50
CA LEU D 125 -3.20 4.86 33.87
C LEU D 125 -1.93 5.73 33.95
N GLU D 126 -1.26 5.92 32.84
CA GLU D 126 -0.06 6.74 32.82
C GLU D 126 -0.43 8.21 32.68
N ARG D 127 -1.60 8.53 32.12
CA ARG D 127 -2.08 9.91 32.02
C ARG D 127 -3.10 10.28 33.11
N PHE D 128 -3.88 9.31 33.57
CA PHE D 128 -4.93 9.57 34.54
C PHE D 128 -4.60 8.82 35.79
N LYS D 129 -4.36 9.57 36.86
CA LYS D 129 -3.89 8.96 38.09
C LYS D 129 -4.78 9.17 39.31
N GLU D 130 -5.70 10.12 39.26
CA GLU D 130 -6.64 10.27 40.36
C GLU D 130 -8.03 9.87 39.90
N PHE D 131 -8.68 9.03 40.69
CA PHE D 131 -10.01 8.55 40.38
C PHE D 131 -10.95 8.72 41.55
N ALA D 132 -12.14 9.25 41.31
CA ALA D 132 -13.10 9.39 42.38
C ALA D 132 -13.66 8.04 42.85
N HIS D 133 -13.72 7.03 41.97
CA HIS D 133 -14.28 5.73 42.31
C HIS D 133 -13.28 4.63 42.09
N GLY D 134 -13.29 3.66 43.00
CA GLY D 134 -12.30 2.58 42.96
C GLY D 134 -12.44 1.65 41.76
N TRP D 135 -13.64 1.48 41.23
CA TRP D 135 -13.84 0.64 40.07
C TRP D 135 -13.04 1.18 38.88
N GLU D 136 -12.76 2.50 38.83
CA GLU D 136 -12.14 3.07 37.62
C GLU D 136 -10.75 2.49 37.35
N ARG D 137 -9.90 2.52 38.37
CA ARG D 137 -8.57 1.99 38.26
C ARG D 137 -8.59 0.48 37.92
N GLU D 138 -9.48 -0.22 38.59
CA GLU D 138 -9.69 -1.65 38.44
CA GLU D 138 -9.62 -1.65 38.39
C GLU D 138 -10.07 -2.00 36.99
N HIS D 139 -10.97 -1.20 36.44
CA HIS D 139 -11.48 -1.35 35.05
C HIS D 139 -10.27 -1.28 34.09
N LEU D 140 -9.42 -0.29 34.30
CA LEU D 140 -8.24 -0.09 33.45
C LEU D 140 -7.16 -1.17 33.66
N GLU D 141 -6.79 -1.42 34.91
CA GLU D 141 -5.75 -2.36 35.18
C GLU D 141 -6.12 -3.75 34.74
N ARG D 142 -7.35 -4.15 35.00
CA ARG D 142 -7.79 -5.51 34.65
C ARG D 142 -7.93 -5.83 33.18
N SER D 143 -7.95 -4.80 32.33
CA SER D 143 -7.92 -4.98 30.87
C SER D 143 -6.63 -5.72 30.44
N ARG D 144 -5.59 -5.66 31.27
CA ARG D 144 -4.35 -6.29 30.95
C ARG D 144 -4.51 -7.79 30.83
N ASP D 145 -5.38 -8.43 31.63
CA ASP D 145 -5.56 -9.88 31.50
C ASP D 145 -6.93 -10.28 31.05
N LEU D 146 -7.55 -9.46 30.23
CA LEU D 146 -8.90 -9.59 29.68
CA LEU D 146 -8.86 -9.85 29.74
C LEU D 146 -8.90 -9.92 28.21
N VAL D 147 -9.72 -10.85 27.76
CA VAL D 147 -9.92 -11.01 26.36
C VAL D 147 -11.28 -10.39 26.13
N PHE D 148 -11.39 -9.66 25.05
CA PHE D 148 -12.66 -9.14 24.59
C PHE D 148 -13.12 -10.23 23.63
N LYS D 149 -13.99 -11.06 24.15
CA LYS D 149 -14.44 -12.26 23.50
C LYS D 149 -15.65 -12.12 22.57
N ASN D 150 -15.44 -12.47 21.31
CA ASN D 150 -16.46 -12.51 20.30
CA ASN D 150 -16.52 -12.54 20.35
C ASN D 150 -16.06 -13.63 19.37
N THR D 151 -16.27 -14.86 19.81
CA THR D 151 -15.94 -16.02 19.02
C THR D 151 -16.84 -16.12 17.80
N PHE D 152 -16.50 -17.03 16.90
CA PHE D 152 -17.32 -17.30 15.72
C PHE D 152 -18.74 -17.75 16.06
N ALA D 153 -18.86 -18.46 17.19
CA ALA D 153 -20.16 -18.88 17.71
C ALA D 153 -20.93 -17.66 18.24
N ASP D 154 -20.25 -16.78 18.99
CA ASP D 154 -20.87 -15.57 19.55
C ASP D 154 -21.41 -14.68 18.44
N ILE D 155 -20.60 -14.48 17.39
CA ILE D 155 -20.96 -13.58 16.31
C ILE D 155 -22.16 -14.17 15.56
N GLU D 156 -22.08 -15.46 15.34
CA GLU D 156 -23.21 -16.14 14.68
C GLU D 156 -24.50 -15.97 15.50
N PHE D 157 -24.42 -16.15 16.81
CA PHE D 157 -25.57 -15.98 17.69
C PHE D 157 -26.16 -14.56 17.63
N ILE D 158 -25.30 -13.55 17.68
CA ILE D 158 -25.78 -12.17 17.61
C ILE D 158 -26.40 -11.87 16.27
N LEU D 159 -25.73 -12.27 15.20
CA LEU D 159 -26.28 -12.08 13.86
C LEU D 159 -27.70 -12.67 13.71
N LYS D 160 -27.88 -13.89 14.20
CA LYS D 160 -29.15 -14.58 14.11
C LYS D 160 -30.20 -13.97 15.04
N THR D 161 -29.81 -13.71 16.28
CA THR D 161 -30.76 -13.29 17.29
C THR D 161 -31.23 -11.87 17.08
N CYS D 162 -30.29 -10.94 16.91
CA CYS D 162 -30.65 -9.55 16.68
C CYS D 162 -31.14 -9.33 15.25
N GLY D 163 -30.53 -10.01 14.29
CA GLY D 163 -30.92 -9.90 12.91
C GLY D 163 -32.34 -10.36 12.70
N GLY D 164 -32.77 -11.36 13.46
CA GLY D 164 -34.14 -11.87 13.38
C GLY D 164 -35.18 -10.81 13.71
N ASN D 165 -34.79 -9.80 14.47
CA ASN D 165 -35.68 -8.68 14.87
C ASN D 165 -35.61 -7.48 13.91
N GLY D 166 -34.85 -7.61 12.82
CA GLY D 166 -34.65 -6.51 11.87
C GLY D 166 -33.58 -5.53 12.30
N THR D 167 -32.84 -5.86 13.36
CA THR D 167 -31.74 -5.00 13.80
C THR D 167 -30.61 -5.23 12.75
N ARG D 168 -30.02 -4.13 12.28
CA ARG D 168 -28.87 -4.20 11.40
C ARG D 168 -27.65 -3.83 12.23
N PHE D 169 -26.46 -4.13 11.73
CA PHE D 169 -25.22 -3.98 12.52
C PHE D 169 -24.26 -2.96 12.07
N GLU D 170 -23.62 -2.34 13.08
CA GLU D 170 -22.44 -1.51 12.86
C GLU D 170 -21.36 -2.55 13.15
N PHE D 171 -20.73 -3.04 12.09
CA PHE D 171 -19.70 -4.07 12.18
C PHE D 171 -18.39 -3.40 12.55
N GLU D 172 -18.01 -3.51 13.81
CA GLU D 172 -16.77 -2.89 14.29
C GLU D 172 -15.59 -3.82 14.01
N CYS D 173 -14.81 -3.42 13.03
CA CYS D 173 -13.65 -4.17 12.57
C CYS D 173 -12.38 -3.45 13.01
N TYR D 174 -11.67 -4.06 13.94
CA TYR D 174 -10.44 -3.44 14.56
C TYR D 174 -9.13 -3.82 13.86
N ASP D 175 -9.19 -4.70 12.87
CA ASP D 175 -8.04 -5.06 12.09
C ASP D 175 -8.50 -5.84 10.86
N THR D 176 -7.57 -6.21 9.96
CA THR D 176 -7.89 -6.96 8.72
C THR D 176 -8.64 -8.22 8.97
N SER D 177 -8.25 -8.93 10.02
CA SER D 177 -8.88 -10.22 10.27
C SER D 177 -10.39 -10.09 10.50
N HIS D 178 -10.83 -8.96 11.03
CA HIS D 178 -12.22 -8.67 11.25
C HIS D 178 -12.98 -8.50 9.93
N LEU D 179 -12.33 -7.94 8.91
CA LEU D 179 -12.96 -7.80 7.58
C LEU D 179 -13.10 -9.19 6.98
N TYR D 180 -12.04 -9.97 7.13
CA TYR D 180 -12.07 -11.39 6.66
C TYR D 180 -13.11 -12.18 7.45
N ASN D 181 -13.21 -11.97 8.73
CA ASN D 181 -14.27 -12.64 9.53
C ASN D 181 -15.69 -12.32 9.01
N LEU D 182 -15.92 -11.04 8.73
CA LEU D 182 -17.18 -10.58 8.17
C LEU D 182 -17.41 -11.25 6.83
N ALA D 183 -16.40 -11.30 5.94
CA ALA D 183 -16.58 -11.99 4.63
C ALA D 183 -16.96 -13.44 4.83
N HIS D 184 -16.43 -14.10 5.86
CA HIS D 184 -16.81 -15.48 6.21
C HIS D 184 -18.30 -15.58 6.45
N PHE D 185 -18.86 -14.65 7.24
CA PHE D 185 -20.27 -14.65 7.50
C PHE D 185 -21.10 -14.24 6.28
N VAL D 186 -20.60 -13.30 5.47
CA VAL D 186 -21.30 -12.92 4.26
C VAL D 186 -21.39 -14.13 3.34
N ASP D 187 -20.33 -14.90 3.22
CA ASP D 187 -20.32 -16.07 2.33
C ASP D 187 -21.25 -17.17 2.81
N ARG D 188 -21.37 -17.34 4.12
CA ARG D 188 -22.32 -18.32 4.69
C ARG D 188 -23.74 -17.76 4.66
N LYS D 189 -23.91 -16.55 4.14
CA LYS D 189 -25.20 -15.88 3.99
C LYS D 189 -25.85 -15.50 5.32
N LEU D 190 -25.04 -15.23 6.34
CA LEU D 190 -25.59 -14.88 7.66
C LEU D 190 -25.75 -13.39 7.86
N ALA D 191 -25.25 -12.60 6.92
CA ALA D 191 -25.43 -11.16 6.95
C ALA D 191 -25.74 -10.67 5.54
N THR D 192 -26.71 -9.76 5.41
CA THR D 192 -27.11 -9.26 4.10
C THR D 192 -26.69 -7.80 3.96
N PRO D 193 -26.42 -7.36 2.72
CA PRO D 193 -26.03 -6.00 2.48
C PRO D 193 -27.16 -4.97 2.59
N PRO D 194 -26.82 -3.71 2.76
CA PRO D 194 -25.44 -3.22 2.85
C PRO D 194 -24.82 -3.47 4.23
N PHE D 195 -23.51 -3.60 4.25
CA PHE D 195 -22.76 -3.85 5.47
C PHE D 195 -22.18 -2.53 5.93
N PHE D 196 -22.56 -2.11 7.12
CA PHE D 196 -22.05 -0.87 7.72
C PHE D 196 -20.79 -1.29 8.46
N VAL D 197 -19.65 -1.06 7.80
CA VAL D 197 -18.32 -1.44 8.29
C VAL D 197 -17.63 -0.24 8.92
N GLN D 198 -17.47 -0.32 10.25
CA GLN D 198 -16.82 0.74 11.05
C GLN D 198 -15.41 0.25 11.31
N THR D 199 -14.44 0.76 10.58
CA THR D 199 -13.05 0.37 10.78
C THR D 199 -12.46 1.21 11.92
N VAL D 200 -11.98 0.53 12.96
CA VAL D 200 -11.56 1.20 14.21
C VAL D 200 -10.07 1.24 14.30
N PHE D 201 -9.47 2.44 14.45
CA PHE D 201 -8.03 2.56 14.47
C PHE D 201 -7.51 3.13 15.77
N GLY D 202 -6.40 2.59 16.23
CA GLY D 202 -5.66 3.25 17.36
C GLY D 202 -5.86 2.64 18.73
N LEU D 203 -6.57 1.53 18.86
CA LEU D 203 -6.75 0.91 20.17
CA LEU D 203 -6.77 0.88 20.15
C LEU D 203 -5.67 -0.15 20.36
N LEU D 204 -5.02 -0.15 21.53
CA LEU D 204 -3.99 -1.14 21.82
C LEU D 204 -4.69 -2.49 21.91
N GLY D 205 -4.31 -3.38 21.03
CA GLY D 205 -4.95 -4.68 20.86
C GLY D 205 -5.59 -4.72 19.48
N GLY D 206 -5.69 -3.54 18.87
CA GLY D 206 -6.23 -3.40 17.49
C GLY D 206 -5.21 -2.90 16.50
N ILE D 207 -5.66 -2.56 15.30
CA ILE D 207 -4.73 -2.03 14.31
C ILE D 207 -4.43 -0.59 14.79
N GLY D 208 -3.27 -0.09 14.40
CA GLY D 208 -2.84 1.28 14.74
C GLY D 208 -3.52 2.36 13.92
N PRO D 209 -3.09 3.62 14.12
CA PRO D 209 -3.74 4.73 13.47
C PRO D 209 -2.94 5.36 12.33
N HIS D 210 -2.05 4.61 11.71
CA HIS D 210 -1.29 5.15 10.61
C HIS D 210 -2.15 5.32 9.34
N PRO D 211 -1.88 6.38 8.53
CA PRO D 211 -2.59 6.43 7.24
C PRO D 211 -2.48 5.11 6.47
N GLU D 212 -1.33 4.42 6.56
CA GLU D 212 -1.20 3.09 5.87
C GLU D 212 -2.22 2.09 6.36
N ASP D 213 -2.51 2.11 7.65
CA ASP D 213 -3.49 1.20 8.25
C ASP D 213 -4.86 1.47 7.67
N LEU D 214 -5.20 2.75 7.56
CA LEU D 214 -6.52 3.13 7.00
C LEU D 214 -6.57 2.72 5.56
N ALA D 215 -5.50 3.00 4.80
CA ALA D 215 -5.51 2.64 3.35
C ALA D 215 -5.64 1.12 3.21
N HIS D 216 -5.04 0.37 4.12
CA HIS D 216 -5.16 -1.10 3.97
CA HIS D 216 -5.13 -1.11 4.14
C HIS D 216 -6.55 -1.62 4.34
N ARG D 218 -9.29 -0.05 3.82
CA ARG D 218 -10.16 0.26 2.70
C ARG D 218 -9.95 -0.69 1.54
N ARG D 219 -8.69 -0.90 1.13
CA ARG D 219 -8.45 -1.77 -0.05
C ARG D 219 -8.91 -3.20 0.20
N THR D 220 -8.78 -3.68 1.45
CA THR D 220 -9.25 -5.02 1.82
C THR D 220 -10.77 -5.08 1.75
N ALA D 221 -11.43 -4.11 2.35
CA ALA D 221 -12.91 -4.04 2.37
C ALA D 221 -13.43 -3.95 0.92
N ASP D 222 -12.80 -3.10 0.11
CA ASP D 222 -13.17 -2.96 -1.30
C ASP D 222 -13.12 -4.30 -2.03
N ARG D 223 -12.02 -5.01 -1.87
CA ARG D 223 -11.85 -6.32 -2.51
C ARG D 223 -12.85 -7.31 -2.00
N LEU D 224 -13.08 -7.37 -0.68
CA LEU D 224 -13.98 -8.34 -0.12
C LEU D 224 -15.46 -8.03 -0.34
N PHE D 225 -15.84 -6.77 -0.27
CA PHE D 225 -17.25 -6.42 -0.31
C PHE D 225 -17.71 -5.62 -1.50
N GLY D 226 -16.78 -5.09 -2.26
CA GLY D 226 -17.15 -4.28 -3.42
C GLY D 226 -18.09 -3.14 -3.10
N ALA D 227 -19.23 -3.09 -3.82
CA ALA D 227 -20.22 -2.02 -3.62
C ALA D 227 -21.23 -2.38 -2.54
N ASP D 228 -21.02 -3.49 -1.83
CA ASP D 228 -22.01 -3.96 -0.84
C ASP D 228 -21.81 -3.48 0.58
N TYR D 229 -20.78 -2.63 0.78
CA TYR D 229 -20.52 -2.11 2.11
C TYR D 229 -20.57 -0.59 2.15
N VAL D 230 -20.86 -0.09 3.35
CA VAL D 230 -20.93 1.36 3.63
C VAL D 230 -19.83 1.54 4.65
N TRP D 231 -18.84 2.35 4.34
CA TRP D 231 -17.66 2.45 5.15
C TRP D 231 -17.72 3.63 6.11
N SER D 232 -17.35 3.38 7.37
CA SER D 232 -17.24 4.42 8.37
C SER D 232 -15.89 4.30 9.10
N ILE D 233 -15.36 5.44 9.54
CA ILE D 233 -14.08 5.45 10.22
CA ILE D 233 -14.04 5.57 10.18
C ILE D 233 -14.22 5.94 11.64
N LEU D 234 -13.52 5.23 12.52
CA LEU D 234 -13.44 5.52 13.94
C LEU D 234 -11.93 5.56 14.29
N GLY D 235 -11.42 6.77 14.57
CA GLY D 235 -10.06 6.97 15.00
C GLY D 235 -10.13 7.27 16.49
N ALA D 236 -9.42 6.50 17.29
CA ALA D 236 -9.44 6.63 18.74
C ALA D 236 -8.61 7.86 19.16
N GLY D 237 -9.09 8.53 20.19
CA GLY D 237 -8.31 9.62 20.75
C GLY D 237 -8.01 10.71 19.76
N ARG D 238 -6.75 11.18 19.78
CA ARG D 238 -6.32 12.29 18.95
C ARG D 238 -6.42 12.00 17.47
N HIS D 239 -6.55 10.73 17.09
CA HIS D 239 -6.68 10.35 15.70
C HIS D 239 -8.12 10.45 15.16
N GLN D 240 -9.05 10.73 16.03
CA GLN D 240 -10.44 10.85 15.66
C GLN D 240 -10.70 11.70 14.42
N ILE D 241 -10.35 12.97 14.47
CA ILE D 241 -10.68 13.84 13.36
C ILE D 241 -9.70 13.65 12.17
N PRO D 242 -8.38 13.52 12.38
CA PRO D 242 -7.49 13.26 11.23
C PRO D 242 -7.94 12.02 10.40
N LEU D 243 -8.16 10.90 11.07
CA LEU D 243 -8.55 9.72 10.27
C LEU D 243 -9.92 9.84 9.64
N ALA D 244 -10.87 10.36 10.38
CA ALA D 244 -12.21 10.57 9.82
C ALA D 244 -12.10 11.47 8.57
N SER D 245 -11.22 12.48 8.59
CA SER D 245 -11.04 13.39 7.48
C SER D 245 -10.44 12.72 6.25
N ILE D 246 -9.44 11.86 6.47
CA ILE D 246 -8.78 11.15 5.41
C ILE D 246 -9.88 10.29 4.77
N GLY D 247 -10.72 9.70 5.59
CA GLY D 247 -11.83 8.91 5.06
C GLY D 247 -12.89 9.73 4.32
N ALA D 248 -13.39 10.80 4.95
CA ALA D 248 -14.45 11.65 4.37
C ALA D 248 -14.01 12.11 2.94
N ALA D 249 -12.74 12.44 2.81
CA ALA D 249 -12.18 12.94 1.53
C ALA D 249 -12.19 11.91 0.42
N GLN D 250 -12.48 10.65 0.71
CA GLN D 250 -12.51 9.63 -0.31
C GLN D 250 -13.78 8.79 -0.26
N GLY D 251 -14.88 9.34 0.24
CA GLY D 251 -16.17 8.64 0.22
C GLY D 251 -16.63 7.94 1.48
N ALA D 252 -15.87 8.04 2.56
CA ALA D 252 -16.24 7.40 3.80
C ALA D 252 -17.19 8.21 4.62
N ASN D 253 -17.84 7.50 5.53
CA ASN D 253 -18.65 8.08 6.55
C ASN D 253 -17.75 8.15 7.79
N VAL D 254 -18.23 8.81 8.82
CA VAL D 254 -17.38 9.17 9.96
C VAL D 254 -18.08 8.94 11.30
N ARG D 255 -17.27 8.58 12.28
CA ARG D 255 -17.73 8.36 13.65
C ARG D 255 -16.91 9.25 14.57
N VAL D 256 -17.62 9.94 15.44
CA VAL D 256 -16.99 10.80 16.46
C VAL D 256 -17.70 10.47 17.79
N GLY D 257 -17.37 11.22 18.85
CA GLY D 257 -18.01 11.03 20.11
C GLY D 257 -17.06 10.83 21.25
N LEU D 258 -17.54 11.14 22.46
CA LEU D 258 -16.71 11.09 23.70
C LEU D 258 -16.43 9.66 24.12
N GLU D 259 -17.18 8.71 23.60
CA GLU D 259 -16.77 7.34 23.82
C GLU D 259 -15.40 7.02 23.26
N ASP D 260 -15.06 7.63 22.14
CA ASP D 260 -13.87 7.32 21.33
C ASP D 260 -12.70 8.28 21.62
N SER D 261 -13.02 9.53 21.87
CA SER D 261 -12.03 10.53 22.23
C SER D 261 -12.58 11.53 23.22
N LEU D 262 -11.78 11.89 24.24
CA LEU D 262 -12.19 12.89 25.22
C LEU D 262 -11.81 14.33 24.79
N TRP D 263 -11.15 14.45 23.64
CA TRP D 263 -10.52 15.69 23.17
C TRP D 263 -11.21 16.38 22.02
N ILE D 264 -11.00 17.71 21.97
CA ILE D 264 -11.51 18.56 20.89
C ILE D 264 -10.37 19.20 20.13
N ALA D 265 -9.19 19.21 20.75
CA ALA D 265 -7.95 19.74 20.24
C ALA D 265 -6.87 19.23 21.20
N PRO D 266 -5.60 19.29 20.81
CA PRO D 266 -4.54 18.77 21.65
C PRO D 266 -4.54 19.36 23.06
N GLY D 267 -4.57 18.49 24.06
CA GLY D 267 -4.64 18.88 25.49
C GLY D 267 -5.91 19.64 25.90
N GLU D 268 -6.94 19.61 25.07
CA GLU D 268 -8.16 20.34 25.32
C GLU D 268 -9.36 19.39 25.29
N LEU D 269 -9.98 19.21 26.44
CA LEU D 269 -11.16 18.37 26.57
C LEU D 269 -12.36 18.90 25.80
N ALA D 270 -13.04 17.98 25.13
CA ALA D 270 -14.28 18.25 24.45
C ALA D 270 -15.39 18.40 25.49
N GLU D 271 -16.07 19.54 25.48
CA GLU D 271 -17.15 19.78 26.44
C GLU D 271 -18.42 19.02 26.09
N THR D 272 -18.62 18.79 24.82
CA THR D 272 -19.79 18.02 24.39
C THR D 272 -19.44 17.14 23.22
N ASN D 273 -20.31 16.16 22.99
CA ASN D 273 -20.28 15.34 21.79
C ASN D 273 -20.52 16.20 20.55
N ALA D 274 -21.50 17.09 20.66
CA ALA D 274 -21.82 18.04 19.61
C ALA D 274 -20.61 18.78 19.08
N ALA D 275 -19.68 19.14 19.99
CA ALA D 275 -18.53 19.88 19.59
C ALA D 275 -17.69 19.10 18.60
N GLN D 276 -17.58 17.79 18.81
CA GLN D 276 -16.81 16.91 17.92
C GLN D 276 -17.53 16.75 16.58
N VAL D 277 -18.86 16.68 16.63
CA VAL D 277 -19.69 16.56 15.40
C VAL D 277 -19.43 17.83 14.58
N ARG D 278 -19.41 18.98 15.24
CA ARG D 278 -19.20 20.23 14.52
CA ARG D 278 -19.15 20.28 14.58
C ARG D 278 -17.81 20.26 13.88
N LYS D 279 -16.81 19.75 14.58
CA LYS D 279 -15.43 19.72 14.06
C LYS D 279 -15.34 18.91 12.77
N ILE D 280 -15.90 17.71 12.74
CA ILE D 280 -15.86 16.92 11.49
C ILE D 280 -16.73 17.55 10.40
N ARG D 281 -17.85 18.16 10.78
CA ARG D 281 -18.67 18.87 9.81
C ARG D 281 -17.95 20.02 9.10
N GLN D 282 -17.01 20.65 9.80
CA GLN D 282 -16.18 21.72 9.25
C GLN D 282 -15.36 21.14 8.10
N VAL D 283 -14.82 19.94 8.32
CA VAL D 283 -14.04 19.22 7.31
C VAL D 283 -14.96 18.81 6.14
N ILE D 284 -16.10 18.28 6.49
CA ILE D 284 -17.05 17.81 5.48
C ILE D 284 -17.48 18.96 4.56
N GLU D 285 -17.71 20.13 5.16
CA GLU D 285 -18.15 21.30 4.41
C GLU D 285 -17.00 21.81 3.54
N GLY D 286 -15.79 21.82 4.10
CA GLY D 286 -14.60 22.16 3.33
C GLY D 286 -14.42 21.33 2.07
N LEU D 287 -14.84 20.07 2.15
CA LEU D 287 -14.80 19.14 1.05
C LEU D 287 -15.99 19.26 0.11
N SER D 288 -16.87 20.22 0.33
CA SER D 288 -18.08 20.41 -0.49
C SER D 288 -18.99 19.19 -0.46
N LEU D 289 -19.04 18.51 0.68
CA LEU D 289 -19.93 17.39 0.89
C LEU D 289 -21.01 17.84 1.85
N GLU D 290 -22.08 17.07 1.89
CA GLU D 290 -23.23 17.30 2.72
C GLU D 290 -23.40 16.16 3.72
N VAL D 291 -23.99 16.50 4.86
CA VAL D 291 -24.21 15.54 5.92
C VAL D 291 -25.51 14.82 5.64
N ALA D 292 -25.54 13.51 5.81
CA ALA D 292 -26.75 12.73 5.64
C ALA D 292 -27.76 12.96 6.73
N SER D 293 -29.03 13.04 6.38
CA SER D 293 -30.07 13.09 7.42
C SER D 293 -30.36 11.67 7.95
N PRO D 294 -31.08 11.56 9.08
CA PRO D 294 -31.49 10.24 9.53
C PRO D 294 -32.27 9.46 8.46
N ALA D 295 -33.14 10.11 7.71
CA ALA D 295 -33.90 9.43 6.65
C ALA D 295 -32.94 8.89 5.60
N GLU D 296 -31.94 9.69 5.25
CA GLU D 296 -30.96 9.30 4.26
C GLU D 296 -30.10 8.14 4.75
N ALA D 297 -29.61 8.25 5.99
CA ALA D 297 -28.88 7.14 6.62
C ALA D 297 -29.70 5.85 6.58
N ARG D 298 -30.99 5.92 6.90
CA ARG D 298 -31.85 4.76 6.95
C ARG D 298 -31.94 4.09 5.59
N THR D 299 -32.01 4.89 4.54
CA THR D 299 -32.01 4.37 3.16
C THR D 299 -30.68 3.71 2.79
N LEU D 301 -28.60 2.39 4.75
CA LEU D 301 -28.26 1.22 5.57
C LEU D 301 -29.32 0.18 5.65
N GLY D 302 -30.43 0.42 4.95
CA GLY D 302 -31.55 -0.51 4.97
C GLY D 302 -32.20 -0.71 6.32
N LEU D 303 -32.40 0.36 7.09
CA LEU D 303 -32.91 0.26 8.44
C LEU D 303 -34.43 0.20 8.50
N LYS D 304 -34.96 -0.34 9.59
CA LYS D 304 -36.39 -0.57 9.69
C LYS D 304 -37.27 0.62 10.10
N GLY D 305 -36.67 1.69 10.60
CA GLY D 305 -37.48 2.85 10.93
C GLY D 305 -37.60 3.09 12.41
N PRO D 306 -37.71 4.37 12.81
CA PRO D 306 -37.64 4.72 14.22
C PRO D 306 -38.80 4.27 15.08
N GLN D 307 -39.93 3.96 14.43
CA GLN D 307 -41.11 3.53 15.12
C GLN D 307 -41.10 2.01 15.31
N ASN D 308 -40.19 1.32 14.65
CA ASN D 308 -40.15 -0.14 14.67
C ASN D 308 -39.17 -0.74 15.67
N VAL D 309 -39.09 -0.10 16.84
CA VAL D 309 -38.25 -0.52 17.95
C VAL D 309 -39.15 -0.73 19.19
N ASN D 310 -38.63 -1.46 20.18
CA ASN D 310 -39.36 -1.74 21.42
C ASN D 310 -39.07 -0.78 22.58
N PHE D 311 -39.26 0.49 22.30
CA PHE D 311 -39.22 1.55 23.28
C PHE D 311 -39.84 2.81 22.69
#